data_9AX5
#
_entry.id   9AX5
#
_cell.length_a   1.00
_cell.length_b   1.00
_cell.length_c   1.00
_cell.angle_alpha   90.00
_cell.angle_beta   90.00
_cell.angle_gamma   90.00
#
_symmetry.space_group_name_H-M   'P 1'
#
loop_
_entity.id
_entity.type
_entity.pdbx_description
1 polymer '1-phosphatidylinositol 4,5-bisphosphate phosphodiesterase epsilon-1'
2 polymer 'Transforming protein RhoA'
3 non-polymer 'CALCIUM ION'
4 non-polymer "GUANOSINE-5'-TRIPHOSPHATE"
5 non-polymer 'MAGNESIUM ION'
#
loop_
_entity_poly.entity_id
_entity_poly.type
_entity_poly.pdbx_seq_one_letter_code
_entity_poly.pdbx_strand_id
1 'polypeptide(L)'
;HHHHHHSSGVDLGTENLYFQSNADHGTELIPWYVLSIQADVHQFLLQGATVIHYDQDTHLSARCFLQLQPDNSTLTWMKP
PTASPAGARLKLGVLSNVAEPGKFPSLGNAGVSGLVEGILDLFSVKAVYMGHPGIDIHTVCVQNKLSSMLLSETGVTLLY
GLQTTDNRLLHFVAPKHTAKMLFSGLLELTTAVRKIRKFPDQRQQWLRKQYVSFYQEDGRYEGPTLAHAVELFGGRRWST
RNPSPGMSAKNAEKPNMQRNNTLGISTTKKKKKMLMRGESGEVTDDEMATRKAKMYRECRSRSGSDPQEANEQEDSEANV
ITNPPNPLHSRRAYSLTTAGSPNLATGMSSPISAWSSSSWHGRIKGGMKGFQSFMVSDSNMSFIEFVELFKSFSIRSRKD
LKDIFDIYSVPCNRSASESTPLYTNLTIEENTNDLQPDLDLLTRNVSDLGLFMKSKQQLSDNQRQISDAIAAASIVTNGT
GIESTSLGIFGVGILQLNDFLVNCQGEHCTYDEILSIIQKFEPNISMCHQGLLSFEGFARFLMDKDNFASKNDESRENKK
DLQLPLSYYYIESSHNTYLTGHQLKGESSVELYSQVLLQGCRSIELDCWDGDDGMPIIYHGHTLTTKIPFKEVVEAIDRS
AFITSDLPIIISIENHCSLPQQRKMAEIFKSVFGEKLVAKFLFETDFSDDPMLPSPDQLRRKVLLKNKKLKAHQTPVDIL
KQKAHQLASMQTQAFTGGNANPPPASNEEEEDEEDEYDYDYESLSDDNILEDRPENKSCADKLQFEYNEEVPKRIKKADN
SSGNKGKVYDMELGEEFYLPQNKKESRQIAPELSDLVIYCQAVKFPGLSTLNSSGSGRGKERKSRKSIFGNNPGRMSPGE
TASFNRTSGKSSCEGIRQIWEEPPLSPNTSLSAIIRTPKCYHISSLNENAAKRLCRRYSQKLIQHTACQLLRTYPAATRI
DSSNPNPLMFWLHGIQLVALNYQTDDLPLHLNAAMFEANGGCGYVLKPPVLWDKSCPMYQKFSPLERDLDAMDPATYSLT
IISGQNVCPSNSTGSPCIEVDVLGMPLDSCHFRTKPIHRNTLNPMWNEQFLFRVHFEDLVFLRFAVVENNSSAITAQRII
PLKALKRGYRHLQLRNLHNEILEISSLFINSRRMEDNPSGSTRPASLMFNTEERKCSQTHKVTVHGVPGPEPFAVFTINE
GTKAKQLLQQILAVDQDTKLTAADYFLMEEKHFISKEKNECRKQPFQRAVGPEEDIVQILNSWFPEEGYVGRIVLKPQQE
TLEEKNIVHDDREVILSSEEESFFVQVHDVSPEQPRTVIKAPRVSTAQDVIQQTLCKAKYSYSILNNPNPCDYVLLEEVM
KDAPNKKSSTPKSSQRILLDQECVFQAQSKWKGAGKFILKLKEQVQASREDKRRGISFASELKKLTKSTKQTRGLTSPPQ
LVASESVQSKEEKPMGALASGDTAGYQS
;
A
2 'polypeptide(L)'
;HHHHHHDYDIPTTENLYFQGAMDPAAIRKKLVIVGDGACGKTCLLIVFSKDQFPEVYVPTVFENYVADIEVDGKQVELAL
WDTAGQEDYDRLRPLSYPDTDVILMCFSIDSPDSLENIPEKWTPEVKHFCPNVPIILVGNKKDLRNDEHTRRELAKMKQE
PVKPEEGRDMANRIGAFGYMECSAKTKDGVREVFEMATRAALQARRGKKKSGCLVL
;
C
#
loop_
_chem_comp.id
_chem_comp.type
_chem_comp.name
_chem_comp.formula
CA non-polymer 'CALCIUM ION' 'Ca 2'
GTP non-polymer GUANOSINE-5'-TRIPHOSPHATE 'C10 H16 N5 O14 P3'
MG non-polymer 'MAGNESIUM ION' 'Mg 2'
#
# COMPACT_ATOMS: atom_id res chain seq x y z
N GLY A 26 23.54 2.85 15.65
CA GLY A 26 22.86 1.56 15.36
C GLY A 26 21.90 1.68 14.19
N THR A 27 20.61 1.59 14.49
CA THR A 27 19.56 1.69 13.47
C THR A 27 19.74 0.62 12.40
N GLU A 28 19.60 -0.63 12.82
CA GLU A 28 19.71 -1.76 11.91
C GLU A 28 18.80 -1.56 10.70
N LEU A 29 19.41 -1.49 9.51
CA LEU A 29 18.61 -1.30 8.31
C LEU A 29 17.70 -2.49 8.04
N ILE A 30 18.11 -3.67 8.46
CA ILE A 30 17.28 -4.87 8.41
C ILE A 30 17.05 -5.33 9.85
N PRO A 31 15.92 -4.95 10.46
CA PRO A 31 15.76 -5.17 11.90
C PRO A 31 15.87 -6.63 12.28
N TRP A 32 16.14 -6.86 13.57
CA TRP A 32 16.32 -8.21 14.06
C TRP A 32 15.07 -9.05 13.89
N TYR A 33 13.89 -8.45 14.11
CA TYR A 33 12.65 -9.20 14.01
C TYR A 33 12.36 -9.68 12.59
N VAL A 34 13.05 -9.15 11.59
CA VAL A 34 12.88 -9.64 10.22
C VAL A 34 13.87 -10.75 9.91
N LEU A 35 15.12 -10.61 10.35
CA LEU A 35 16.13 -11.62 10.07
C LEU A 35 15.80 -12.93 10.77
N SER A 36 16.24 -14.03 10.17
CA SER A 36 16.12 -15.37 10.74
C SER A 36 17.46 -16.08 10.66
N ILE A 37 18.55 -15.35 10.91
CA ILE A 37 19.89 -15.91 10.80
C ILE A 37 20.24 -16.62 12.09
N GLN A 38 20.96 -17.73 11.97
CA GLN A 38 21.51 -18.40 13.14
C GLN A 38 22.48 -17.46 13.86
N ALA A 39 22.50 -17.57 15.19
CA ALA A 39 23.34 -16.67 15.98
C ALA A 39 24.79 -16.75 15.54
N ASP A 40 25.33 -17.97 15.43
CA ASP A 40 26.72 -18.12 15.02
C ASP A 40 26.95 -17.60 13.61
N VAL A 41 26.03 -17.91 12.69
CA VAL A 41 26.22 -17.49 11.30
C VAL A 41 26.21 -15.97 11.20
N HIS A 42 25.28 -15.31 11.89
CA HIS A 42 25.23 -13.85 11.84
C HIS A 42 26.44 -13.22 12.51
N GLN A 43 27.10 -13.94 13.42
CA GLN A 43 28.32 -13.40 14.02
C GLN A 43 29.48 -13.46 13.03
N PHE A 44 29.57 -14.52 12.25
CA PHE A 44 30.69 -14.67 11.33
C PHE A 44 30.73 -13.53 10.32
N LEU A 45 29.58 -13.18 9.75
CA LEU A 45 29.53 -12.05 8.82
C LEU A 45 29.89 -10.75 9.53
N LEU A 46 29.38 -10.55 10.75
CA LEU A 46 29.64 -9.30 11.46
C LEU A 46 31.11 -9.16 11.81
N GLN A 47 31.72 -10.22 12.34
CA GLN A 47 33.12 -10.14 12.71
C GLN A 47 33.99 -9.89 11.49
N GLY A 48 33.71 -10.59 10.39
CA GLY A 48 34.49 -10.48 9.17
C GLY A 48 35.12 -11.80 8.79
N ALA A 49 35.64 -11.82 7.57
CA ALA A 49 36.28 -13.02 7.04
C ALA A 49 37.22 -12.61 5.91
N THR A 50 38.15 -13.51 5.60
CA THR A 50 39.11 -13.31 4.51
C THR A 50 38.64 -14.10 3.30
N VAL A 51 38.34 -13.41 2.21
CA VAL A 51 37.86 -14.03 0.98
C VAL A 51 38.57 -13.38 -0.20
N ILE A 52 38.52 -14.08 -1.33
CA ILE A 52 39.13 -13.61 -2.57
C ILE A 52 38.05 -13.01 -3.45
N HIS A 53 38.25 -11.77 -3.88
CA HIS A 53 37.28 -11.05 -4.71
C HIS A 53 37.68 -11.19 -6.17
N TYR A 54 36.79 -11.75 -6.98
CA TYR A 54 37.03 -11.99 -8.39
C TYR A 54 36.26 -10.97 -9.21
N ASP A 55 36.93 -10.39 -10.21
CA ASP A 55 36.35 -9.36 -11.06
C ASP A 55 36.31 -9.89 -12.50
N GLN A 56 35.10 -10.18 -12.99
CA GLN A 56 34.96 -10.75 -14.32
C GLN A 56 35.50 -9.81 -15.39
N ASP A 57 35.17 -8.52 -15.29
CA ASP A 57 35.59 -7.57 -16.32
C ASP A 57 37.10 -7.55 -16.46
N THR A 58 37.81 -7.37 -15.35
CA THR A 58 39.27 -7.40 -15.37
C THR A 58 39.81 -8.83 -15.31
N HIS A 59 38.98 -9.80 -14.95
CA HIS A 59 39.38 -11.21 -14.92
C HIS A 59 40.64 -11.41 -14.10
N LEU A 60 40.69 -10.76 -12.94
CA LEU A 60 41.82 -10.86 -12.02
C LEU A 60 41.30 -10.87 -10.60
N SER A 61 41.64 -11.91 -9.85
CA SER A 61 41.16 -12.10 -8.48
C SER A 61 42.20 -11.59 -7.49
N ALA A 62 41.72 -10.92 -6.44
CA ALA A 62 42.59 -10.41 -5.39
C ALA A 62 42.01 -10.79 -4.04
N ARG A 63 42.85 -10.70 -3.01
CA ARG A 63 42.42 -11.04 -1.66
C ARG A 63 41.78 -9.84 -0.99
N CYS A 64 40.77 -10.09 -0.16
CA CYS A 64 40.02 -9.03 0.50
C CYS A 64 39.44 -9.59 1.80
N PHE A 65 39.00 -8.66 2.65
CA PHE A 65 38.44 -8.98 3.97
C PHE A 65 37.06 -8.32 4.04
N LEU A 66 36.02 -9.08 3.75
CA LEU A 66 34.66 -8.55 3.72
C LEU A 66 34.01 -8.69 5.07
N GLN A 67 33.32 -7.63 5.49
CA GLN A 67 32.70 -7.56 6.81
C GLN A 67 31.31 -6.98 6.67
N LEU A 68 30.41 -7.41 7.56
CA LEU A 68 29.03 -6.93 7.57
C LEU A 68 28.92 -5.81 8.60
N GLN A 69 28.48 -4.64 8.15
CA GLN A 69 28.45 -3.47 9.00
C GLN A 69 27.45 -3.67 10.14
N PRO A 70 27.60 -2.91 11.24
CA PRO A 70 26.67 -3.10 12.37
C PRO A 70 25.21 -2.98 11.95
N ASP A 71 24.89 -2.06 11.06
CA ASP A 71 23.63 -2.12 10.34
C ASP A 71 23.74 -3.20 9.28
N ASN A 72 22.73 -4.04 9.17
CA ASN A 72 22.82 -5.27 8.40
C ASN A 72 22.65 -5.05 6.90
N SER A 73 22.80 -3.82 6.41
CA SER A 73 22.58 -3.54 5.00
C SER A 73 23.86 -3.67 4.19
N THR A 74 24.88 -2.90 4.53
CA THR A 74 26.05 -2.76 3.67
C THR A 74 27.08 -3.86 3.92
N LEU A 75 27.71 -4.30 2.85
CA LEU A 75 28.86 -5.21 2.89
C LEU A 75 30.09 -4.45 2.43
N THR A 76 31.14 -4.47 3.25
CA THR A 76 32.36 -3.73 2.98
C THR A 76 33.54 -4.69 3.02
N TRP A 77 34.39 -4.62 1.98
CA TRP A 77 35.61 -5.41 1.91
C TRP A 77 36.80 -4.49 1.69
N MET A 78 37.87 -4.74 2.44
CA MET A 78 39.09 -3.94 2.36
C MET A 78 40.29 -4.88 2.44
N LYS A 79 41.47 -4.30 2.33
CA LYS A 79 42.67 -5.11 2.36
C LYS A 79 42.80 -5.81 3.71
N PRO A 80 43.14 -7.09 3.73
CA PRO A 80 43.24 -7.82 5.01
C PRO A 80 44.36 -7.27 5.86
N PRO A 81 44.28 -7.42 7.20
CA PRO A 81 45.33 -6.91 8.08
C PRO A 81 46.69 -7.55 7.85
N GLY A 114 35.51 -1.70 -6.32
CA GLY A 114 36.90 -1.90 -6.70
C GLY A 114 37.35 -3.34 -6.50
N LEU A 115 38.57 -3.64 -6.95
CA LEU A 115 39.07 -5.01 -6.83
C LEU A 115 39.25 -5.41 -5.38
N VAL A 116 39.78 -4.51 -4.55
CA VAL A 116 40.04 -4.82 -3.15
C VAL A 116 39.46 -3.72 -2.26
N GLU A 117 38.75 -2.77 -2.86
CA GLU A 117 38.12 -1.68 -2.11
C GLU A 117 36.74 -1.42 -2.70
N GLY A 118 35.72 -1.51 -1.87
CA GLY A 118 34.37 -1.28 -2.35
C GLY A 118 33.36 -1.51 -1.26
N ILE A 119 32.09 -1.42 -1.65
CA ILE A 119 30.97 -1.58 -0.72
C ILE A 119 29.74 -2.00 -1.52
N LEU A 120 29.04 -2.99 -1.01
CA LEU A 120 27.79 -3.48 -1.61
C LEU A 120 26.63 -3.16 -0.68
N ASP A 121 25.49 -2.81 -1.27
CA ASP A 121 24.28 -2.50 -0.52
C ASP A 121 23.32 -3.68 -0.66
N LEU A 122 23.14 -4.43 0.42
CA LEU A 122 22.34 -5.64 0.36
C LEU A 122 20.87 -5.39 0.05
N PHE A 123 20.45 -4.13 -0.06
CA PHE A 123 19.09 -3.86 -0.52
C PHE A 123 18.97 -3.86 -2.04
N SER A 124 20.09 -4.04 -2.75
CA SER A 124 20.07 -4.18 -4.20
C SER A 124 20.29 -5.61 -4.67
N VAL A 125 20.80 -6.49 -3.81
CA VAL A 125 21.05 -7.86 -4.24
C VAL A 125 19.73 -8.53 -4.55
N LYS A 126 19.65 -9.17 -5.71
CA LYS A 126 18.45 -9.88 -6.14
C LYS A 126 18.49 -11.36 -5.79
N ALA A 127 19.66 -11.98 -5.76
CA ALA A 127 19.78 -13.38 -5.40
C ALA A 127 21.23 -13.68 -5.09
N VAL A 128 21.44 -14.76 -4.34
CA VAL A 128 22.78 -15.22 -3.97
C VAL A 128 22.93 -16.66 -4.46
N TYR A 129 23.98 -16.90 -5.23
CA TYR A 129 24.25 -18.22 -5.78
C TYR A 129 25.58 -18.74 -5.27
N MET A 130 25.68 -20.06 -5.17
CA MET A 130 26.91 -20.73 -4.79
C MET A 130 27.45 -21.48 -5.99
N GLY A 131 28.73 -21.25 -6.30
CA GLY A 131 29.34 -21.87 -7.47
C GLY A 131 28.80 -21.38 -8.78
N HIS A 132 28.57 -20.08 -8.89
CA HIS A 132 28.15 -19.51 -10.17
C HIS A 132 29.26 -19.73 -11.20
N PRO A 133 28.94 -20.33 -12.36
CA PRO A 133 30.02 -20.71 -13.30
C PRO A 133 30.87 -19.54 -13.76
N GLY A 134 30.50 -18.30 -13.44
CA GLY A 134 31.34 -17.17 -13.81
C GLY A 134 32.69 -17.19 -13.12
N ILE A 135 32.74 -17.70 -11.89
CA ILE A 135 33.99 -17.73 -11.14
C ILE A 135 34.94 -18.72 -11.80
N ASP A 136 36.18 -18.28 -12.02
CA ASP A 136 37.23 -19.12 -12.58
C ASP A 136 38.10 -19.60 -11.42
N ILE A 137 37.69 -20.71 -10.81
CA ILE A 137 38.46 -21.24 -9.69
C ILE A 137 39.88 -21.56 -10.13
N HIS A 138 40.04 -22.08 -11.35
CA HIS A 138 41.38 -22.35 -11.85
C HIS A 138 42.21 -21.08 -11.93
N THR A 139 41.62 -19.99 -12.40
CA THR A 139 42.33 -18.71 -12.44
C THR A 139 42.67 -18.24 -11.03
N VAL A 140 41.73 -18.39 -10.10
CA VAL A 140 41.98 -17.97 -8.72
C VAL A 140 43.11 -18.81 -8.11
N CYS A 141 43.06 -20.12 -8.31
CA CYS A 141 44.07 -20.98 -7.69
C CYS A 141 45.47 -20.64 -8.18
N VAL A 142 45.63 -20.44 -9.49
CA VAL A 142 46.95 -20.09 -10.02
C VAL A 142 47.34 -18.68 -9.59
N GLN A 143 46.38 -17.76 -9.58
CA GLN A 143 46.68 -16.39 -9.16
C GLN A 143 47.07 -16.35 -7.69
N ASN A 144 46.36 -17.09 -6.85
CA ASN A 144 46.62 -17.12 -5.41
C ASN A 144 47.41 -18.33 -4.97
N LYS A 145 47.87 -19.17 -5.90
CA LYS A 145 48.71 -20.32 -5.57
C LYS A 145 48.06 -21.19 -4.50
N LEU A 146 46.75 -21.43 -4.65
CA LEU A 146 46.00 -22.26 -3.73
C LEU A 146 45.84 -23.67 -4.29
N SER A 147 45.55 -24.61 -3.39
CA SER A 147 45.38 -26.00 -3.79
C SER A 147 44.10 -26.16 -4.59
N SER A 148 43.81 -27.41 -4.98
CA SER A 148 42.63 -27.68 -5.77
C SER A 148 41.37 -27.30 -5.00
N MET A 149 40.43 -26.67 -5.71
CA MET A 149 39.17 -26.23 -5.12
C MET A 149 38.02 -26.60 -6.06
N LEU A 150 36.85 -26.79 -5.47
CA LEU A 150 35.64 -27.09 -6.23
C LEU A 150 34.74 -25.86 -6.21
N LEU A 151 34.41 -25.35 -7.39
CA LEU A 151 33.59 -24.14 -7.47
C LEU A 151 32.21 -24.35 -6.87
N SER A 152 31.68 -25.56 -6.97
CA SER A 152 30.37 -25.85 -6.39
C SER A 152 30.42 -25.97 -4.87
N GLU A 153 31.55 -25.69 -4.24
CA GLU A 153 31.68 -25.77 -2.80
C GLU A 153 32.38 -24.57 -2.18
N THR A 154 32.96 -23.67 -2.98
CA THR A 154 33.74 -22.55 -2.45
C THR A 154 33.40 -21.21 -3.09
N GLY A 155 32.53 -21.17 -4.09
CA GLY A 155 32.19 -19.94 -4.77
C GLY A 155 30.91 -19.34 -4.21
N VAL A 156 30.86 -18.01 -4.18
CA VAL A 156 29.69 -17.28 -3.73
C VAL A 156 29.48 -16.11 -4.67
N THR A 157 28.21 -15.85 -5.02
CA THR A 157 27.86 -14.81 -5.98
C THR A 157 26.70 -14.00 -5.43
N LEU A 158 26.64 -12.73 -5.85
CA LEU A 158 25.59 -11.81 -5.40
C LEU A 158 25.10 -11.02 -6.61
N LEU A 159 24.04 -11.50 -7.25
CA LEU A 159 23.43 -10.78 -8.36
C LEU A 159 22.73 -9.54 -7.81
N TYR A 160 23.27 -8.36 -8.09
CA TYR A 160 22.73 -7.12 -7.57
C TYR A 160 22.57 -6.10 -8.69
N GLY A 161 21.59 -5.22 -8.53
CA GLY A 161 21.38 -4.17 -9.51
C GLY A 161 20.35 -3.18 -9.00
N LEU A 162 20.30 -2.04 -9.68
CA LEU A 162 19.36 -0.98 -9.36
C LEU A 162 18.20 -0.89 -10.34
N GLN A 163 18.13 -1.78 -11.32
CA GLN A 163 17.08 -1.75 -12.33
C GLN A 163 16.84 -3.15 -12.85
N THR A 164 15.70 -3.33 -13.51
CA THR A 164 15.40 -4.61 -14.13
C THR A 164 16.27 -4.91 -15.34
N THR A 165 17.02 -3.93 -15.84
CA THR A 165 17.90 -4.12 -16.98
C THR A 165 19.38 -4.15 -16.59
N ASP A 166 19.71 -3.82 -15.35
CA ASP A 166 21.09 -3.83 -14.86
C ASP A 166 21.22 -4.93 -13.82
N ASN A 167 21.99 -5.96 -14.14
CA ASN A 167 22.19 -7.11 -13.27
C ASN A 167 23.69 -7.41 -13.24
N ARG A 168 24.39 -6.81 -12.29
CA ARG A 168 25.84 -7.01 -12.16
C ARG A 168 26.09 -8.32 -11.44
N LEU A 169 27.34 -8.56 -11.06
CA LEU A 169 27.69 -9.77 -10.33
C LEU A 169 28.88 -9.48 -9.44
N LEU A 170 28.89 -10.11 -8.26
CA LEU A 170 29.95 -9.95 -7.27
C LEU A 170 30.38 -11.33 -6.84
N HIS A 171 31.65 -11.67 -7.09
CA HIS A 171 32.15 -13.02 -6.90
C HIS A 171 33.09 -13.08 -5.70
N PHE A 172 32.83 -14.03 -4.80
CA PHE A 172 33.71 -14.30 -3.67
C PHE A 172 33.98 -15.79 -3.63
N VAL A 173 35.25 -16.17 -3.48
CA VAL A 173 35.63 -17.57 -3.32
C VAL A 173 36.45 -17.68 -2.04
N ALA A 174 36.03 -18.57 -1.17
CA ALA A 174 36.62 -18.75 0.15
C ALA A 174 36.75 -20.24 0.43
N PRO A 175 37.59 -20.61 1.41
CA PRO A 175 37.73 -22.04 1.74
C PRO A 175 36.39 -22.71 2.00
N LYS A 176 36.39 -24.05 2.03
CA LYS A 176 35.14 -24.78 2.17
C LYS A 176 34.37 -24.34 3.41
N HIS A 177 35.05 -24.28 4.55
CA HIS A 177 34.36 -23.95 5.80
C HIS A 177 33.77 -22.55 5.73
N THR A 178 34.51 -21.58 5.20
CA THR A 178 34.01 -20.21 5.15
C THR A 178 32.85 -20.07 4.19
N ALA A 179 32.83 -20.85 3.10
CA ALA A 179 31.77 -20.70 2.12
C ALA A 179 30.41 -20.99 2.72
N LYS A 180 30.31 -22.05 3.52
CA LYS A 180 29.02 -22.44 4.07
C LYS A 180 28.43 -21.31 4.92
N MET A 181 29.20 -20.81 5.88
CA MET A 181 28.71 -19.72 6.72
C MET A 181 28.49 -18.46 5.89
N LEU A 182 29.43 -18.13 5.01
CA LEU A 182 29.28 -16.93 4.20
C LEU A 182 28.03 -16.99 3.34
N PHE A 183 27.80 -18.13 2.67
CA PHE A 183 26.62 -18.26 1.83
C PHE A 183 25.36 -18.42 2.67
N SER A 184 25.41 -19.26 3.71
CA SER A 184 24.22 -19.50 4.51
C SER A 184 23.71 -18.20 5.12
N GLY A 185 24.61 -17.42 5.71
CA GLY A 185 24.21 -16.14 6.25
C GLY A 185 23.73 -15.17 5.17
N LEU A 186 24.44 -15.13 4.04
CA LEU A 186 24.07 -14.21 2.98
C LEU A 186 22.69 -14.52 2.41
N LEU A 187 22.37 -15.81 2.30
CA LEU A 187 21.05 -16.17 1.78
C LEU A 187 19.94 -15.61 2.68
N GLU A 188 20.12 -15.72 4.00
CA GLU A 188 19.12 -15.19 4.92
C GLU A 188 19.02 -13.68 4.84
N LEU A 189 20.15 -13.00 4.70
CA LEU A 189 20.12 -11.54 4.56
C LEU A 189 19.39 -11.12 3.30
N THR A 190 19.61 -11.84 2.20
CA THR A 190 18.92 -11.50 0.95
C THR A 190 17.45 -11.91 1.00
N THR A 191 17.15 -13.03 1.67
CA THR A 191 15.76 -13.43 1.83
C THR A 191 14.99 -12.38 2.62
N ALA A 192 15.59 -11.84 3.68
CA ALA A 192 14.96 -10.74 4.41
C ALA A 192 14.78 -9.53 3.51
N VAL A 193 15.78 -9.23 2.68
CA VAL A 193 15.64 -8.14 1.72
C VAL A 193 14.52 -8.46 0.73
N ARG A 194 14.38 -9.74 0.37
CA ARG A 194 13.32 -10.13 -0.55
C ARG A 194 11.95 -9.88 0.06
N LYS A 195 11.77 -10.21 1.35
CA LYS A 195 10.49 -9.97 2.01
C LYS A 195 10.26 -8.49 2.26
N ILE A 196 11.28 -7.78 2.74
CA ILE A 196 11.10 -6.38 3.12
C ILE A 196 10.61 -5.56 1.94
N ARG A 197 10.93 -5.97 0.73
CA ARG A 197 10.48 -5.27 -0.47
C ARG A 197 9.14 -5.79 -0.98
N LYS A 198 8.49 -6.69 -0.24
CA LYS A 198 7.13 -7.11 -0.52
C LYS A 198 6.15 -6.75 0.58
N PHE A 199 6.61 -6.17 1.68
CA PHE A 199 5.70 -5.76 2.74
C PHE A 199 4.72 -4.72 2.18
N PRO A 200 3.43 -4.81 2.54
CA PRO A 200 2.48 -3.80 2.05
C PRO A 200 2.71 -2.44 2.67
N ASP A 201 2.91 -2.40 3.98
CA ASP A 201 3.14 -1.16 4.71
C ASP A 201 4.62 -1.04 5.02
N GLN A 202 5.28 -0.03 4.45
CA GLN A 202 6.71 0.17 4.61
C GLN A 202 7.01 1.59 5.08
N ARG A 203 6.15 2.16 5.92
CA ARG A 203 6.42 3.48 6.46
C ARG A 203 7.68 3.48 7.31
N GLN A 204 7.83 2.46 8.16
CA GLN A 204 9.00 2.41 9.04
C GLN A 204 10.28 2.20 8.25
N GLN A 205 10.26 1.30 7.26
CA GLN A 205 11.46 1.05 6.48
C GLN A 205 11.86 2.26 5.67
N TRP A 206 10.95 3.20 5.45
CA TRP A 206 11.32 4.46 4.80
C TRP A 206 12.07 5.37 5.77
N LEU A 207 11.68 5.36 7.04
CA LEU A 207 12.35 6.20 8.02
C LEU A 207 13.77 5.72 8.29
N ARG A 208 13.98 4.40 8.34
CA ARG A 208 15.32 3.87 8.57
C ARG A 208 16.27 4.38 7.50
N LYS A 209 15.88 4.25 6.23
CA LYS A 209 16.75 4.72 5.15
C LYS A 209 16.97 6.22 5.24
N GLN A 210 15.92 6.99 5.51
CA GLN A 210 16.06 8.44 5.57
C GLN A 210 16.90 8.88 6.76
N TYR A 211 16.71 8.26 7.91
CA TYR A 211 17.49 8.63 9.09
C TYR A 211 18.97 8.30 8.88
N VAL A 212 19.26 7.08 8.40
CA VAL A 212 20.64 6.68 8.20
C VAL A 212 21.28 7.52 7.10
N SER A 213 20.50 7.89 6.08
CA SER A 213 21.03 8.77 5.04
C SER A 213 21.44 10.11 5.63
N PHE A 214 20.62 10.68 6.52
CA PHE A 214 21.03 11.87 7.25
C PHE A 214 22.23 11.58 8.15
N TYR A 215 22.27 10.37 8.72
CA TYR A 215 23.34 10.04 9.65
C TYR A 215 24.71 10.09 8.97
N GLN A 216 24.78 9.63 7.72
CA GLN A 216 26.04 9.50 7.00
C GLN A 216 26.16 10.48 5.84
N GLU A 217 25.32 11.52 5.78
CA GLU A 217 25.35 12.43 4.65
C GLU A 217 26.62 13.28 4.65
N ASP A 218 26.96 13.87 5.80
CA ASP A 218 28.15 14.71 5.91
C ASP A 218 29.34 13.98 6.49
N GLY A 219 29.21 12.67 6.75
CA GLY A 219 30.26 11.93 7.41
C GLY A 219 30.23 12.04 8.92
N ARG A 220 29.32 12.82 9.48
CA ARG A 220 29.21 13.02 10.92
C ARG A 220 28.01 12.22 11.43
N TYR A 221 28.26 11.39 12.45
CA TYR A 221 27.25 10.46 12.94
C TYR A 221 26.30 11.19 13.88
N GLU A 222 25.27 11.79 13.31
CA GLU A 222 24.24 12.46 14.08
C GLU A 222 22.93 12.44 13.30
N GLY A 223 21.83 12.66 14.01
CA GLY A 223 20.52 12.63 13.40
C GLY A 223 20.19 13.93 12.70
N PRO A 224 18.99 13.98 12.12
CA PRO A 224 18.54 15.20 11.44
C PRO A 224 17.88 16.19 12.37
N THR A 225 18.14 17.47 12.13
CA THR A 225 17.52 18.52 12.90
C THR A 225 16.02 18.58 12.59
N LEU A 226 15.27 19.23 13.49
CA LEU A 226 13.82 19.28 13.31
C LEU A 226 13.44 19.96 12.00
N ALA A 227 14.14 21.04 11.64
CA ALA A 227 13.85 21.71 10.39
C ALA A 227 13.96 20.74 9.21
N HIS A 228 14.98 19.88 9.23
CA HIS A 228 15.11 18.86 8.18
C HIS A 228 14.07 17.76 8.36
N ALA A 229 13.86 17.31 9.60
CA ALA A 229 12.89 16.25 9.83
C ALA A 229 11.48 16.68 9.42
N VAL A 230 11.09 17.89 9.80
CA VAL A 230 9.77 18.39 9.43
C VAL A 230 9.66 18.53 7.91
N GLU A 231 10.69 19.09 7.27
CA GLU A 231 10.64 19.28 5.82
C GLU A 231 10.52 17.94 5.11
N LEU A 232 11.27 16.93 5.55
CA LEU A 232 11.23 15.65 4.88
C LEU A 232 9.84 15.04 4.92
N PHE A 233 9.11 15.23 6.02
CA PHE A 233 7.77 14.70 6.16
C PHE A 233 6.72 15.53 5.44
N GLY A 234 7.10 16.67 4.87
CA GLY A 234 6.18 17.53 4.15
C GLY A 234 5.72 18.75 4.90
N GLY A 235 6.05 18.85 6.19
CA GLY A 235 5.63 19.98 6.99
C GLY A 235 6.12 21.31 6.46
N ARG A 236 5.80 22.39 7.17
CA ARG A 236 6.19 23.72 6.72
C ARG A 236 7.71 23.85 6.67
N ARG A 237 8.18 24.61 5.69
CA ARG A 237 9.61 24.87 5.53
C ARG A 237 10.01 25.97 6.51
N TRP A 238 10.46 25.58 7.70
CA TRP A 238 10.89 26.53 8.71
C TRP A 238 12.07 27.34 8.20
N VAL A 376 16.17 25.05 14.38
CA VAL A 376 16.34 26.38 14.94
C VAL A 376 16.47 26.30 16.45
N SER A 377 15.53 25.61 17.09
CA SER A 377 15.53 25.46 18.55
C SER A 377 16.16 24.14 18.97
N ASP A 378 15.66 23.02 18.46
CA ASP A 378 16.19 21.72 18.81
C ASP A 378 17.34 21.35 17.87
N SER A 379 17.89 20.16 18.08
CA SER A 379 19.05 19.70 17.32
C SER A 379 18.86 18.20 17.04
N ASN A 380 19.95 17.54 16.66
CA ASN A 380 19.94 16.12 16.29
C ASN A 380 19.00 15.32 17.18
N MET A 381 18.15 14.52 16.54
CA MET A 381 17.11 13.76 17.23
C MET A 381 17.33 12.27 17.02
N SER A 382 17.23 11.51 18.11
CA SER A 382 17.41 10.07 18.03
C SER A 382 16.34 9.45 17.12
N PHE A 383 16.54 8.16 16.81
CA PHE A 383 15.63 7.49 15.90
C PHE A 383 14.22 7.43 16.47
N ILE A 384 14.09 7.14 17.76
CA ILE A 384 12.77 7.08 18.38
C ILE A 384 12.09 8.45 18.29
N GLU A 385 12.82 9.52 18.59
CA GLU A 385 12.26 10.85 18.45
C GLU A 385 11.96 11.18 16.98
N PHE A 386 12.60 10.49 16.04
CA PHE A 386 12.33 10.72 14.63
C PHE A 386 11.08 9.96 14.18
N VAL A 387 10.99 8.67 14.55
CA VAL A 387 9.79 7.90 14.23
C VAL A 387 8.57 8.50 14.92
N GLU A 388 8.70 8.88 16.19
CA GLU A 388 7.59 9.44 16.93
C GLU A 388 7.16 10.80 16.39
N LEU A 389 7.96 11.43 15.52
CA LEU A 389 7.52 12.63 14.84
C LEU A 389 6.78 12.32 13.55
N PHE A 390 7.17 11.26 12.85
CA PHE A 390 6.44 10.87 11.64
C PHE A 390 5.02 10.44 11.97
N LYS A 391 4.85 9.66 13.05
CA LYS A 391 3.51 9.25 13.45
C LYS A 391 2.60 10.45 13.63
N SER A 392 3.08 11.47 14.34
CA SER A 392 2.28 12.68 14.53
C SER A 392 1.94 13.34 13.20
N PHE A 393 2.80 13.18 12.20
CA PHE A 393 2.51 13.75 10.89
C PHE A 393 1.49 12.95 10.11
N SER A 394 1.41 11.64 10.36
CA SER A 394 0.46 10.80 9.66
C SER A 394 -0.91 10.74 10.32
N ILE A 395 -1.08 11.36 11.49
CA ILE A 395 -2.34 11.34 12.21
C ILE A 395 -2.88 12.76 12.32
N ARG A 396 -1.99 13.74 12.37
CA ARG A 396 -2.39 15.14 12.48
C ARG A 396 -2.45 15.84 11.13
N SER A 397 -2.21 15.13 10.04
CA SER A 397 -2.32 15.69 8.70
C SER A 397 -3.47 15.09 7.90
N ARG A 398 -4.36 14.35 8.54
CA ARG A 398 -5.45 13.65 7.85
C ARG A 398 -6.77 14.17 8.39
N LYS A 399 -7.28 15.24 7.78
CA LYS A 399 -8.60 15.75 8.14
C LYS A 399 -9.69 14.74 7.82
N ASP A 400 -9.57 14.06 6.67
CA ASP A 400 -10.63 13.15 6.23
C ASP A 400 -10.88 12.04 7.24
N LEU A 401 -9.87 11.68 8.04
CA LEU A 401 -10.09 10.69 9.08
C LEU A 401 -10.74 11.28 10.33
N LYS A 402 -10.73 12.60 10.46
CA LYS A 402 -11.47 13.23 11.56
C LYS A 402 -12.97 13.23 11.28
N ASP A 403 -13.35 13.52 10.03
CA ASP A 403 -14.76 13.53 9.68
C ASP A 403 -15.38 12.15 9.84
N ILE A 404 -14.65 11.10 9.44
CA ILE A 404 -15.16 9.75 9.60
C ILE A 404 -15.17 9.34 11.07
N PHE A 405 -14.47 10.07 11.93
CA PHE A 405 -14.47 9.80 13.35
C PHE A 405 -15.58 10.57 14.07
N ASP A 406 -15.86 11.79 13.64
CA ASP A 406 -16.90 12.58 14.30
C ASP A 406 -18.26 11.91 14.17
N ILE A 407 -18.55 11.33 13.01
CA ILE A 407 -19.88 10.77 12.77
C ILE A 407 -20.16 9.62 13.72
N TYR A 408 -19.18 8.73 13.90
CA TYR A 408 -19.38 7.49 14.64
C TYR A 408 -18.91 7.57 16.09
N SER A 409 -18.44 8.73 16.54
CA SER A 409 -17.93 8.87 17.89
C SER A 409 -19.07 9.16 18.87
N VAL A 410 -18.78 8.93 20.15
CA VAL A 410 -19.74 9.17 21.23
C VAL A 410 -19.02 9.85 22.39
N PRO A 411 -19.70 10.72 23.16
CA PRO A 411 -19.02 11.37 24.29
C PRO A 411 -18.91 10.47 25.52
N CYS A 412 -17.87 9.63 25.56
CA CYS A 412 -17.70 8.68 26.66
C CYS A 412 -16.55 9.09 27.60
N ASN A 413 -16.26 10.38 27.67
CA ASN A 413 -15.31 10.90 28.64
C ASN A 413 -13.90 10.37 28.42
N ARG A 414 -12.92 10.96 29.10
CA ARG A 414 -11.52 10.58 28.94
C ARG A 414 -11.03 9.65 30.03
N SER A 415 -11.62 9.69 31.22
CA SER A 415 -11.18 8.89 32.36
C SER A 415 -12.31 7.99 32.83
N ALA A 416 -11.94 6.77 33.21
CA ALA A 416 -12.90 5.79 33.69
C ALA A 416 -13.13 5.95 35.19
N ASP A 434 3.90 -15.12 9.35
CA ASP A 434 4.38 -15.07 7.98
C ASP A 434 4.12 -13.70 7.36
N LEU A 435 3.15 -12.98 7.91
CA LEU A 435 2.80 -11.65 7.43
C LEU A 435 3.87 -10.66 7.89
N GLN A 436 3.63 -9.38 7.64
CA GLN A 436 4.56 -8.35 8.10
C GLN A 436 4.56 -8.34 9.64
N PRO A 437 5.72 -8.46 10.28
CA PRO A 437 5.72 -8.52 11.75
C PRO A 437 5.14 -7.26 12.36
N ASP A 438 4.39 -7.43 13.45
CA ASP A 438 3.73 -6.29 14.08
C ASP A 438 4.74 -5.25 14.53
N LEU A 439 5.94 -5.67 14.94
CA LEU A 439 6.95 -4.72 15.36
C LEU A 439 7.34 -3.80 14.20
N ASP A 440 7.24 -4.29 12.97
CA ASP A 440 7.54 -3.45 11.82
C ASP A 440 6.41 -2.47 11.52
N LEU A 441 5.17 -2.86 11.78
CA LEU A 441 4.04 -1.98 11.51
C LEU A 441 4.10 -0.74 12.39
N LEU A 442 4.16 0.42 11.75
CA LEU A 442 4.30 1.67 12.49
C LEU A 442 3.09 1.92 13.37
N THR A 443 1.89 1.70 12.85
CA THR A 443 0.67 2.15 13.54
C THR A 443 0.37 1.29 14.76
N ARG A 444 0.46 -0.03 14.64
CA ARG A 444 -0.02 -0.91 15.69
C ARG A 444 0.68 -0.62 17.01
N ASN A 445 -0.02 -0.90 18.11
CA ASN A 445 0.41 -0.44 19.42
C ASN A 445 1.57 -1.27 19.98
N VAL A 446 1.68 -2.54 19.57
CA VAL A 446 2.68 -3.43 20.14
C VAL A 446 4.07 -3.10 19.62
N SER A 447 4.17 -2.10 18.75
CA SER A 447 5.46 -1.67 18.22
C SER A 447 6.18 -0.77 19.23
N ASP A 448 6.35 -1.31 20.44
CA ASP A 448 7.03 -0.58 21.49
C ASP A 448 8.51 -0.42 21.22
N LEU A 449 9.07 -1.22 20.31
CA LEU A 449 10.49 -1.18 19.99
C LEU A 449 10.74 -0.31 18.77
N LEU A 459 9.19 7.02 25.46
CA LEU A 459 8.88 8.44 25.64
C LEU A 459 7.61 8.62 26.47
N SER A 460 7.71 9.50 27.48
CA SER A 460 6.56 9.79 28.31
C SER A 460 5.54 10.64 27.55
N ASP A 461 4.36 10.77 28.14
CA ASP A 461 3.29 11.55 27.49
C ASP A 461 3.72 12.98 27.24
N ASN A 462 4.66 13.51 28.03
CA ASN A 462 5.14 14.86 27.81
C ASN A 462 5.78 14.99 26.43
N GLN A 463 6.65 14.05 26.07
CA GLN A 463 7.30 14.11 24.77
C GLN A 463 6.29 13.96 23.64
N ARG A 464 5.33 13.02 23.79
CA ARG A 464 4.37 12.79 22.72
C ARG A 464 3.53 14.03 22.44
N GLN A 465 3.13 14.75 23.49
CA GLN A 465 2.39 15.99 23.28
C GLN A 465 3.23 16.99 22.50
N ILE A 466 4.51 17.09 22.81
CA ILE A 466 5.40 17.96 22.03
C ILE A 466 5.48 17.48 20.59
N SER A 467 5.62 16.17 20.38
CA SER A 467 5.73 15.63 19.03
C SER A 467 4.48 15.95 18.23
N ASP A 468 3.29 15.75 18.81
CA ASP A 468 2.07 16.11 18.12
C ASP A 468 1.95 17.63 17.94
N ALA A 469 2.41 18.39 18.93
CA ALA A 469 2.32 19.84 18.85
C ALA A 469 3.08 20.37 17.64
N ILE A 470 4.32 19.94 17.47
CA ILE A 470 5.14 20.43 16.36
C ILE A 470 4.61 19.93 15.03
N ALA A 471 4.15 18.68 14.99
CA ALA A 471 3.59 18.13 13.76
C ALA A 471 2.32 18.87 13.36
N ALA A 472 1.45 19.15 14.33
CA ALA A 472 0.20 19.83 14.02
C ALA A 472 0.39 21.28 13.64
N ALA A 473 1.54 21.87 13.99
CA ALA A 473 1.83 23.25 13.63
C ALA A 473 2.55 23.38 12.30
N SER A 474 3.29 22.35 11.90
CA SER A 474 4.02 22.39 10.64
C SER A 474 3.11 22.18 9.44
N ILE A 475 2.02 21.41 9.59
CA ILE A 475 1.11 21.20 8.48
C ILE A 475 0.45 22.52 8.10
N VAL A 476 0.15 22.67 6.81
CA VAL A 476 -0.23 23.97 6.27
C VAL A 476 -1.73 24.15 6.23
N THR A 477 -2.43 23.35 5.43
CA THR A 477 -3.83 23.61 5.09
C THR A 477 -4.79 22.59 5.69
N ASN A 478 -4.59 21.30 5.43
CA ASN A 478 -5.49 20.27 5.90
C ASN A 478 -4.84 19.56 7.07
N GLY A 479 -5.31 19.86 8.28
CA GLY A 479 -4.74 19.28 9.47
C GLY A 479 -5.70 19.21 10.63
N THR A 480 -5.75 18.05 11.29
CA THR A 480 -6.56 17.86 12.49
C THR A 480 -5.80 18.43 13.67
N GLY A 481 -5.86 19.76 13.80
CA GLY A 481 -5.19 20.42 14.90
C GLY A 481 -5.44 19.72 16.22
N ILE A 482 -4.46 19.77 17.12
CA ILE A 482 -4.54 18.96 18.33
C ILE A 482 -5.49 19.65 19.31
N GLU A 483 -6.76 19.28 19.24
CA GLU A 483 -7.74 19.79 20.20
C GLU A 483 -7.68 18.96 21.47
N SER A 484 -7.55 19.63 22.61
CA SER A 484 -7.44 18.96 23.91
C SER A 484 -8.35 19.68 24.89
N THR A 485 -9.55 19.16 25.07
CA THR A 485 -10.51 19.66 26.04
C THR A 485 -10.87 18.52 27.00
N SER A 486 -10.76 18.78 28.29
CA SER A 486 -11.07 17.78 29.30
C SER A 486 -12.57 17.72 29.55
N LEU A 487 -13.04 16.52 29.88
CA LEU A 487 -14.45 16.29 30.20
C LEU A 487 -15.34 16.43 28.96
N GLY A 488 -14.70 16.57 27.80
CA GLY A 488 -15.43 16.71 26.55
C GLY A 488 -14.85 15.92 25.41
N ILE A 489 -14.21 14.80 25.72
CA ILE A 489 -13.53 13.97 24.75
C ILE A 489 -14.50 12.92 24.23
N PHE A 490 -14.45 12.67 22.93
CA PHE A 490 -15.30 11.68 22.29
C PHE A 490 -14.50 10.39 22.01
N GLY A 491 -15.23 9.31 21.78
CA GLY A 491 -14.61 8.03 21.53
C GLY A 491 -15.51 7.13 20.72
N VAL A 492 -14.97 5.97 20.34
CA VAL A 492 -15.67 4.97 19.56
C VAL A 492 -15.58 3.66 20.32
N GLY A 493 -16.60 3.35 21.12
CA GLY A 493 -16.59 2.15 21.92
C GLY A 493 -16.67 0.90 21.05
N ILE A 494 -16.90 -0.22 21.74
CA ILE A 494 -17.03 -1.50 21.04
C ILE A 494 -18.25 -1.48 20.13
N LEU A 495 -19.39 -1.02 20.65
CA LEU A 495 -20.60 -0.95 19.83
C LEU A 495 -20.46 0.08 18.72
N GLN A 496 -19.88 1.24 19.03
CA GLN A 496 -19.74 2.28 18.02
C GLN A 496 -18.82 1.83 16.89
N LEU A 497 -17.71 1.18 17.23
CA LEU A 497 -16.81 0.68 16.21
C LEU A 497 -17.48 -0.38 15.36
N ASN A 498 -18.30 -1.23 15.98
CA ASN A 498 -18.99 -2.26 15.23
C ASN A 498 -19.92 -1.66 14.18
N ASP A 499 -20.62 -0.59 14.53
CA ASP A 499 -21.47 0.08 13.56
C ASP A 499 -20.66 0.63 12.39
N PHE A 500 -19.38 0.93 12.61
CA PHE A 500 -18.54 1.38 11.52
C PHE A 500 -18.11 0.24 10.62
N LEU A 501 -17.89 -0.95 11.19
CA LEU A 501 -17.45 -2.08 10.37
C LEU A 501 -18.61 -2.72 9.61
N VAL A 502 -19.81 -2.75 10.19
CA VAL A 502 -20.92 -3.43 9.56
C VAL A 502 -21.38 -2.69 8.31
N ASN A 503 -21.44 -1.36 8.38
CA ASN A 503 -21.99 -0.57 7.29
C ASN A 503 -20.93 -0.15 6.28
N CYS A 504 -19.89 0.53 6.76
CA CYS A 504 -18.87 1.07 5.85
C CYS A 504 -17.89 0.00 5.41
N GLN A 505 -17.17 -0.60 6.36
CA GLN A 505 -16.14 -1.57 5.99
C GLN A 505 -16.75 -2.88 5.53
N GLY A 506 -17.95 -3.22 5.99
CA GLY A 506 -18.52 -4.50 5.68
C GLY A 506 -17.94 -5.66 6.46
N GLU A 507 -16.99 -5.41 7.36
CA GLU A 507 -16.40 -6.46 8.16
C GLU A 507 -17.32 -6.81 9.32
N HIS A 508 -17.45 -8.11 9.58
CA HIS A 508 -18.25 -8.63 10.69
C HIS A 508 -17.29 -9.32 11.66
N CYS A 509 -16.98 -8.65 12.76
CA CYS A 509 -16.05 -9.15 13.75
C CYS A 509 -16.79 -9.49 15.03
N THR A 510 -16.40 -10.59 15.67
CA THR A 510 -17.02 -11.00 16.91
C THR A 510 -16.73 -9.97 18.00
N TYR A 511 -17.32 -10.19 19.18
CA TYR A 511 -17.10 -9.25 20.28
C TYR A 511 -15.64 -9.22 20.69
N ASP A 512 -15.01 -10.39 20.79
CA ASP A 512 -13.60 -10.44 21.19
C ASP A 512 -12.71 -9.78 20.15
N GLU A 513 -12.95 -10.08 18.86
CA GLU A 513 -12.10 -9.50 17.82
C GLU A 513 -12.21 -7.98 17.79
N ILE A 514 -13.42 -7.45 17.93
CA ILE A 514 -13.60 -6.01 17.98
C ILE A 514 -12.88 -5.44 19.19
N LEU A 515 -13.00 -6.09 20.34
CA LEU A 515 -12.30 -5.64 21.53
C LEU A 515 -10.80 -5.72 21.35
N SER A 516 -10.32 -6.80 20.70
CA SER A 516 -8.89 -6.94 20.46
C SER A 516 -8.35 -5.80 19.60
N ILE A 517 -9.16 -5.30 18.67
CA ILE A 517 -8.75 -4.14 17.89
C ILE A 517 -8.58 -2.92 18.80
N ILE A 518 -9.47 -2.77 19.78
CA ILE A 518 -9.36 -1.66 20.71
C ILE A 518 -8.07 -1.76 21.50
N GLN A 519 -7.75 -2.95 22.00
CA GLN A 519 -6.54 -3.15 22.80
C GLN A 519 -5.27 -3.06 21.96
N LYS A 520 -5.39 -3.05 20.63
CA LYS A 520 -4.24 -3.12 19.75
C LYS A 520 -3.90 -1.81 19.05
N PHE A 521 -4.84 -0.88 18.95
CA PHE A 521 -4.62 0.37 18.26
C PHE A 521 -4.68 1.60 19.15
N GLU A 522 -5.42 1.55 20.26
CA GLU A 522 -5.56 2.73 21.10
C GLU A 522 -4.25 3.01 21.82
N PRO A 523 -3.62 4.17 21.60
CA PRO A 523 -2.36 4.46 22.30
C PRO A 523 -2.53 4.69 23.79
N ASN A 524 -3.47 5.56 24.15
CA ASN A 524 -3.64 5.94 25.55
C ASN A 524 -4.04 4.74 26.39
N ILE A 525 -3.37 4.57 27.52
CA ILE A 525 -3.68 3.44 28.40
C ILE A 525 -5.06 3.63 29.04
N SER A 526 -5.40 4.87 29.39
CA SER A 526 -6.69 5.14 30.02
C SER A 526 -7.83 4.74 29.08
N MET A 527 -7.79 5.21 27.84
CA MET A 527 -8.82 4.85 26.86
C MET A 527 -8.84 3.35 26.61
N CYS A 528 -7.66 2.77 26.32
CA CYS A 528 -7.60 1.36 26.00
C CYS A 528 -8.13 0.49 27.14
N HIS A 529 -8.08 0.98 28.36
CA HIS A 529 -8.51 0.17 29.51
C HIS A 529 -10.03 0.07 29.57
N GLN A 530 -10.73 1.15 29.24
CA GLN A 530 -12.19 1.20 29.32
C GLN A 530 -12.85 0.94 27.97
N GLY A 531 -12.20 0.16 27.11
CA GLY A 531 -12.81 -0.24 25.85
C GLY A 531 -13.22 0.91 24.97
N LEU A 532 -12.41 1.95 24.87
CA LEU A 532 -12.67 3.11 24.03
C LEU A 532 -11.61 3.20 22.94
N LEU A 533 -11.84 4.10 21.99
CA LEU A 533 -10.93 4.25 20.84
C LEU A 533 -10.92 5.74 20.47
N SER A 534 -9.91 6.45 20.94
CA SER A 534 -9.81 7.88 20.67
C SER A 534 -9.45 8.10 19.21
N PHE A 535 -9.29 9.38 18.84
CA PHE A 535 -8.98 9.69 17.45
C PHE A 535 -7.67 9.07 17.01
N GLU A 536 -6.65 9.11 17.86
CA GLU A 536 -5.40 8.44 17.53
C GLU A 536 -5.62 6.95 17.34
N GLY A 537 -6.40 6.32 18.21
CA GLY A 537 -6.71 4.92 18.03
C GLY A 537 -7.51 4.66 16.76
N PHE A 538 -8.50 5.51 16.48
CA PHE A 538 -9.30 5.33 15.28
C PHE A 538 -8.51 5.70 14.03
N ALA A 539 -7.79 6.82 14.07
CA ALA A 539 -6.98 7.22 12.91
C ALA A 539 -5.93 6.16 12.61
N ARG A 540 -5.27 5.64 13.66
CA ARG A 540 -4.30 4.58 13.45
C ARG A 540 -4.96 3.25 13.09
N PHE A 541 -6.28 3.14 13.28
CA PHE A 541 -6.98 1.93 12.88
C PHE A 541 -7.20 1.89 11.37
N LEU A 542 -7.42 3.05 10.75
CA LEU A 542 -7.68 3.10 9.32
C LEU A 542 -6.41 3.14 8.48
N MET A 543 -5.25 3.35 9.09
CA MET A 543 -3.98 3.40 8.37
C MET A 543 -3.19 2.11 8.47
N ASP A 544 -3.76 1.07 9.08
CA ASP A 544 -3.04 -0.18 9.27
C ASP A 544 -3.02 -0.98 7.96
N LYS A 545 -2.17 -2.02 7.94
CA LYS A 545 -2.05 -2.83 6.73
C LYS A 545 -3.31 -3.65 6.45
N ASP A 546 -4.19 -3.80 7.44
CA ASP A 546 -5.45 -4.49 7.23
C ASP A 546 -6.53 -3.59 6.66
N ASN A 547 -6.24 -2.31 6.46
CA ASN A 547 -7.13 -1.34 5.84
C ASN A 547 -6.51 -0.77 4.58
N PHE A 548 -5.92 -1.65 3.77
CA PHE A 548 -5.43 -1.28 2.45
C PHE A 548 -6.38 -1.83 1.40
N ALA A 549 -6.47 -1.11 0.29
CA ALA A 549 -7.51 -1.40 -0.70
C ALA A 549 -7.35 -2.81 -1.26
N SER A 550 -6.16 -3.15 -1.74
CA SER A 550 -5.97 -4.39 -2.47
C SER A 550 -5.95 -5.59 -1.53
N LYS A 551 -6.74 -6.61 -1.87
CA LYS A 551 -6.65 -7.88 -1.16
C LYS A 551 -5.46 -8.71 -1.59
N ASN A 552 -4.85 -8.37 -2.73
CA ASN A 552 -3.68 -9.10 -3.21
C ASN A 552 -2.47 -8.93 -2.31
N ASP A 553 -2.45 -7.87 -1.50
CA ASP A 553 -1.36 -7.67 -0.55
C ASP A 553 -1.26 -8.87 0.39
N GLU A 554 -0.04 -9.36 0.59
CA GLU A 554 0.19 -10.51 1.46
C GLU A 554 -0.65 -11.70 1.02
N SER A 555 -0.77 -11.88 -0.29
CA SER A 555 -1.51 -13.01 -0.85
C SER A 555 -0.56 -14.16 -1.10
N ARG A 556 -0.92 -15.34 -0.60
CA ARG A 556 -0.08 -16.53 -0.70
C ARG A 556 -0.63 -17.48 -1.75
N GLU A 557 0.24 -18.35 -2.25
CA GLU A 557 -0.17 -19.30 -3.28
C GLU A 557 -1.35 -20.14 -2.81
N ASN A 558 -2.35 -20.28 -3.66
CA ASN A 558 -3.56 -21.04 -3.36
C ASN A 558 -3.47 -22.36 -4.11
N LYS A 559 -3.13 -23.43 -3.40
CA LYS A 559 -2.90 -24.71 -4.05
C LYS A 559 -4.17 -25.30 -4.64
N LYS A 560 -5.35 -24.79 -4.26
CA LYS A 560 -6.58 -25.33 -4.81
C LYS A 560 -6.85 -24.82 -6.22
N ASP A 561 -6.46 -23.59 -6.53
CA ASP A 561 -6.68 -23.04 -7.86
C ASP A 561 -5.75 -23.65 -8.90
N LEU A 562 -4.65 -24.28 -8.47
CA LEU A 562 -3.65 -24.82 -9.38
C LEU A 562 -3.87 -26.29 -9.68
N GLN A 563 -5.12 -26.74 -9.68
CA GLN A 563 -5.45 -28.13 -9.97
C GLN A 563 -6.08 -28.34 -11.34
N LEU A 564 -6.70 -27.32 -11.91
CA LEU A 564 -7.34 -27.41 -13.22
C LEU A 564 -6.26 -27.54 -14.30
N PRO A 565 -6.61 -28.03 -15.49
CA PRO A 565 -5.61 -28.16 -16.55
C PRO A 565 -4.88 -26.85 -16.80
N LEU A 566 -3.77 -26.95 -17.53
CA LEU A 566 -2.90 -25.81 -17.78
C LEU A 566 -3.46 -24.85 -18.81
N SER A 567 -4.48 -25.25 -19.57
CA SER A 567 -5.06 -24.37 -20.58
C SER A 567 -5.90 -23.26 -19.98
N TYR A 568 -6.36 -23.43 -18.75
CA TYR A 568 -7.29 -22.49 -18.12
C TYR A 568 -6.61 -21.33 -17.40
N TYR A 569 -5.28 -21.30 -17.38
CA TYR A 569 -4.53 -20.33 -16.58
C TYR A 569 -3.89 -19.27 -17.46
N TYR A 570 -3.99 -18.02 -17.03
CA TYR A 570 -3.17 -16.95 -17.61
C TYR A 570 -1.75 -17.12 -17.10
N ILE A 571 -0.80 -17.23 -18.02
CA ILE A 571 0.60 -17.51 -17.69
C ILE A 571 1.43 -16.28 -18.00
N GLU A 572 2.24 -15.86 -17.04
CA GLU A 572 3.12 -14.72 -17.25
C GLU A 572 4.22 -15.09 -18.23
N SER A 573 4.46 -14.20 -19.20
CA SER A 573 5.40 -14.50 -20.28
C SER A 573 6.17 -13.26 -20.66
N SER A 574 7.36 -13.49 -21.23
CA SER A 574 8.23 -12.43 -21.73
C SER A 574 8.60 -12.73 -23.17
N HIS A 575 8.84 -11.68 -23.95
CA HIS A 575 9.04 -11.83 -25.39
C HIS A 575 10.52 -11.98 -25.75
N ASN A 576 11.32 -10.95 -25.46
CA ASN A 576 12.76 -10.96 -25.71
C ASN A 576 13.45 -10.79 -24.37
N THR A 577 13.67 -11.90 -23.68
CA THR A 577 14.30 -11.82 -22.37
C THR A 577 15.74 -11.37 -22.47
N TYR A 578 16.46 -11.85 -23.49
CA TYR A 578 17.89 -11.51 -23.59
C TYR A 578 18.09 -10.02 -23.82
N LEU A 579 17.28 -9.41 -24.67
CA LEU A 579 17.42 -7.98 -24.92
C LEU A 579 17.21 -7.19 -23.65
N THR A 580 17.97 -6.10 -23.51
CA THR A 580 17.84 -5.20 -22.37
C THR A 580 17.27 -3.84 -22.73
N GLY A 581 17.15 -3.53 -24.03
CA GLY A 581 16.61 -2.25 -24.44
C GLY A 581 16.00 -2.34 -25.84
N HIS A 582 16.31 -1.37 -26.69
CA HIS A 582 15.88 -1.43 -28.08
C HIS A 582 16.22 -2.79 -28.66
N GLN A 583 15.38 -3.27 -29.57
CA GLN A 583 15.53 -4.61 -30.12
C GLN A 583 16.19 -4.62 -31.49
N LEU A 584 16.79 -3.50 -31.90
CA LEU A 584 17.61 -3.46 -33.11
C LEU A 584 19.02 -2.94 -32.84
N LYS A 585 19.28 -2.37 -31.67
CA LYS A 585 20.61 -1.90 -31.32
C LYS A 585 20.69 -1.81 -29.80
N GLY A 586 21.49 -2.68 -29.18
CA GLY A 586 21.58 -2.72 -27.74
C GLY A 586 22.35 -3.94 -27.29
N GLU A 587 22.23 -4.24 -26.00
CA GLU A 587 22.92 -5.35 -25.41
C GLU A 587 21.98 -6.53 -25.19
N SER A 588 22.56 -7.72 -25.16
CA SER A 588 21.86 -8.94 -24.75
C SER A 588 22.48 -9.40 -23.44
N SER A 589 21.66 -9.57 -22.42
CA SER A 589 22.14 -9.87 -21.07
C SER A 589 21.89 -11.33 -20.74
N VAL A 590 22.94 -12.01 -20.28
CA VAL A 590 22.78 -13.39 -19.83
C VAL A 590 21.99 -13.44 -18.54
N GLU A 591 22.19 -12.45 -17.66
CA GLU A 591 21.55 -12.45 -16.36
C GLU A 591 20.15 -11.86 -16.37
N LEU A 592 19.72 -11.24 -17.47
CA LEU A 592 18.35 -10.77 -17.53
C LEU A 592 17.36 -11.93 -17.56
N TYR A 593 17.82 -13.14 -17.87
CA TYR A 593 16.98 -14.31 -17.70
C TYR A 593 16.76 -14.63 -16.23
N SER A 594 17.78 -14.40 -15.40
CA SER A 594 17.62 -14.62 -13.97
C SER A 594 16.84 -13.49 -13.32
N GLN A 595 17.02 -12.26 -13.78
CA GLN A 595 16.25 -11.15 -13.24
C GLN A 595 14.77 -11.32 -13.52
N VAL A 596 14.43 -11.72 -14.75
CA VAL A 596 13.02 -11.87 -15.10
C VAL A 596 12.40 -13.03 -14.33
N LEU A 597 13.07 -14.18 -14.32
CA LEU A 597 12.53 -15.35 -13.65
C LEU A 597 12.38 -15.14 -12.14
N LEU A 598 13.10 -14.18 -11.56
CA LEU A 598 12.89 -13.87 -10.15
C LEU A 598 11.63 -13.05 -9.94
N GLN A 599 11.26 -12.20 -10.90
CA GLN A 599 10.00 -11.47 -10.80
C GLN A 599 8.80 -12.40 -10.75
N GLY A 600 8.96 -13.64 -11.19
CA GLY A 600 7.86 -14.59 -11.25
C GLY A 600 7.46 -14.99 -12.65
N CYS A 601 8.08 -14.41 -13.68
CA CYS A 601 7.73 -14.75 -15.04
C CYS A 601 7.90 -16.24 -15.28
N ARG A 602 6.96 -16.84 -16.01
CA ARG A 602 6.93 -18.28 -16.20
C ARG A 602 7.07 -18.70 -17.66
N SER A 603 7.48 -17.79 -18.54
CA SER A 603 7.75 -18.15 -19.92
C SER A 603 8.79 -17.18 -20.47
N ILE A 604 9.72 -17.72 -21.27
CA ILE A 604 10.86 -16.98 -21.77
C ILE A 604 11.17 -17.46 -23.18
N GLU A 605 11.98 -16.67 -23.89
CA GLU A 605 12.27 -16.94 -25.30
C GLU A 605 13.77 -17.02 -25.53
N LEU A 606 14.17 -17.88 -26.46
CA LEU A 606 15.57 -18.10 -26.81
C LEU A 606 15.69 -18.10 -28.32
N ASP A 607 16.39 -17.12 -28.88
CA ASP A 607 16.59 -17.03 -30.33
C ASP A 607 17.94 -17.63 -30.73
N CYS A 608 18.11 -18.91 -30.38
CA CYS A 608 19.35 -19.61 -30.74
C CYS A 608 19.56 -19.55 -32.24
N TRP A 609 20.67 -18.95 -32.68
CA TRP A 609 20.89 -18.71 -34.10
C TRP A 609 22.04 -19.52 -34.67
N ASP A 610 23.27 -19.27 -34.23
CA ASP A 610 24.40 -20.03 -34.77
C ASP A 610 25.69 -19.67 -34.05
N GLY A 611 26.50 -20.69 -33.72
CA GLY A 611 27.78 -20.45 -33.07
C GLY A 611 28.88 -20.27 -34.10
N ASP A 612 29.58 -19.14 -34.02
CA ASP A 612 30.77 -18.96 -34.85
C ASP A 612 31.79 -20.05 -34.57
N ASP A 613 31.87 -20.50 -33.33
CA ASP A 613 32.72 -21.63 -32.94
C ASP A 613 31.94 -22.94 -32.88
N GLY A 614 30.67 -22.95 -33.29
CA GLY A 614 29.83 -24.12 -33.25
C GLY A 614 28.85 -24.16 -32.10
N MET A 615 29.08 -23.38 -31.05
CA MET A 615 28.19 -23.35 -29.90
C MET A 615 27.13 -22.27 -30.11
N PRO A 616 25.84 -22.60 -30.07
CA PRO A 616 24.82 -21.61 -30.44
C PRO A 616 24.89 -20.37 -29.57
N ILE A 617 24.56 -19.23 -30.17
CA ILE A 617 24.57 -17.94 -29.49
C ILE A 617 23.21 -17.30 -29.67
N ILE A 618 22.65 -16.79 -28.58
CA ILE A 618 21.33 -16.16 -28.59
C ILE A 618 21.49 -14.68 -28.88
N TYR A 619 20.77 -14.20 -29.88
CA TYR A 619 20.67 -12.76 -30.15
C TYR A 619 19.56 -12.55 -31.17
N HIS A 620 19.24 -11.29 -31.42
CA HIS A 620 18.20 -10.95 -32.38
C HIS A 620 18.78 -11.07 -33.78
N GLY A 621 18.19 -11.97 -34.58
CA GLY A 621 18.81 -12.33 -35.84
C GLY A 621 18.98 -11.13 -36.76
N HIS A 622 20.09 -11.11 -37.50
CA HIS A 622 20.34 -10.11 -38.53
C HIS A 622 20.23 -8.70 -37.96
N THR A 623 20.80 -8.49 -36.77
CA THR A 623 20.75 -7.21 -36.10
C THR A 623 22.04 -6.99 -35.33
N LEU A 624 22.20 -5.78 -34.82
CA LEU A 624 23.43 -5.35 -34.15
C LEU A 624 23.45 -5.69 -32.67
N THR A 625 22.40 -6.30 -32.13
CA THR A 625 22.38 -6.61 -30.71
C THR A 625 23.49 -7.58 -30.36
N THR A 626 24.04 -7.41 -29.16
CA THR A 626 25.15 -8.24 -28.74
C THR A 626 24.73 -9.71 -28.64
N LYS A 627 25.69 -10.60 -28.83
CA LYS A 627 25.46 -12.03 -28.84
C LYS A 627 25.96 -12.63 -27.53
N ILE A 628 25.12 -13.44 -26.89
CA ILE A 628 25.48 -14.08 -25.63
C ILE A 628 25.54 -15.60 -25.86
N PRO A 629 26.48 -16.31 -25.24
CA PRO A 629 26.53 -17.76 -25.45
C PRO A 629 25.24 -18.43 -24.99
N PHE A 630 24.81 -19.43 -25.76
CA PHE A 630 23.63 -20.18 -25.37
C PHE A 630 23.87 -20.98 -24.11
N LYS A 631 25.05 -21.57 -23.98
CA LYS A 631 25.36 -22.39 -22.80
C LYS A 631 25.16 -21.60 -21.52
N GLU A 632 25.47 -20.30 -21.54
CA GLU A 632 25.36 -19.45 -20.36
C GLU A 632 23.97 -18.87 -20.19
N VAL A 633 23.05 -19.09 -21.13
CA VAL A 633 21.67 -18.66 -20.99
C VAL A 633 20.80 -19.78 -20.44
N VAL A 634 21.08 -21.02 -20.82
CA VAL A 634 20.38 -22.15 -20.22
C VAL A 634 20.79 -22.29 -18.76
N GLU A 635 22.06 -22.06 -18.45
CA GLU A 635 22.50 -22.07 -17.06
C GLU A 635 21.84 -20.94 -16.28
N ALA A 636 21.78 -19.74 -16.87
CA ALA A 636 21.15 -18.61 -16.19
C ALA A 636 19.72 -18.91 -15.81
N ILE A 637 19.02 -19.71 -16.62
CA ILE A 637 17.65 -20.10 -16.29
C ILE A 637 17.65 -21.07 -15.11
N ASP A 638 18.57 -22.05 -15.12
CA ASP A 638 18.53 -23.11 -14.11
C ASP A 638 18.79 -22.55 -12.72
N ARG A 639 19.73 -21.63 -12.59
CA ARG A 639 20.13 -21.15 -11.27
C ARG A 639 19.07 -20.29 -10.62
N SER A 640 18.10 -19.77 -11.38
CA SER A 640 17.12 -18.86 -10.81
C SER A 640 15.71 -19.09 -11.34
N ALA A 641 15.44 -20.25 -11.95
CA ALA A 641 14.10 -20.50 -12.48
C ALA A 641 13.08 -20.60 -11.36
N PHE A 642 13.35 -21.42 -10.35
CA PHE A 642 12.40 -21.75 -9.30
C PHE A 642 12.84 -21.21 -7.94
N ILE A 643 13.38 -20.00 -7.93
CA ILE A 643 13.76 -19.36 -6.67
C ILE A 643 12.54 -18.71 -6.02
N THR A 644 11.83 -17.87 -6.77
CA THR A 644 10.64 -17.22 -6.24
C THR A 644 9.45 -18.16 -6.22
N SER A 645 9.04 -18.64 -7.39
CA SER A 645 7.91 -19.53 -7.52
C SER A 645 8.39 -20.97 -7.68
N ASP A 646 7.44 -21.88 -7.91
CA ASP A 646 7.75 -23.27 -8.17
C ASP A 646 6.94 -23.87 -9.30
N LEU A 647 6.09 -23.09 -9.95
CA LEU A 647 5.27 -23.58 -11.05
C LEU A 647 6.10 -23.67 -12.32
N PRO A 648 5.71 -24.52 -13.27
CA PRO A 648 6.57 -24.78 -14.42
C PRO A 648 6.76 -23.55 -15.28
N ILE A 649 7.91 -23.49 -15.95
CA ILE A 649 8.23 -22.44 -16.90
C ILE A 649 8.21 -23.03 -18.30
N ILE A 650 7.61 -22.31 -19.24
CA ILE A 650 7.51 -22.75 -20.62
C ILE A 650 8.51 -21.93 -21.43
N ILE A 651 9.53 -22.59 -21.97
CA ILE A 651 10.58 -21.93 -22.74
C ILE A 651 10.23 -22.02 -24.22
N SER A 652 10.30 -20.90 -24.91
CA SER A 652 10.01 -20.81 -26.33
C SER A 652 11.31 -20.64 -27.11
N ILE A 653 11.51 -21.49 -28.10
CA ILE A 653 12.75 -21.51 -28.87
C ILE A 653 12.45 -20.97 -30.26
N GLU A 654 13.03 -19.82 -30.61
CA GLU A 654 13.03 -19.34 -31.98
C GLU A 654 14.24 -19.94 -32.67
N ASN A 655 14.14 -21.24 -32.95
CA ASN A 655 15.29 -22.08 -33.29
C ASN A 655 15.73 -21.78 -34.72
N HIS A 656 16.57 -20.76 -34.89
CA HIS A 656 17.20 -20.47 -36.18
C HIS A 656 18.58 -21.13 -36.28
N CYS A 657 18.69 -22.42 -35.98
CA CYS A 657 19.98 -23.09 -35.90
C CYS A 657 20.06 -24.24 -36.91
N SER A 658 21.24 -24.41 -37.49
CA SER A 658 21.47 -25.52 -38.40
C SER A 658 21.45 -26.85 -37.64
N LEU A 659 21.22 -27.92 -38.40
CA LEU A 659 21.08 -29.24 -37.80
C LEU A 659 22.25 -29.63 -36.90
N PRO A 660 23.52 -29.42 -37.29
CA PRO A 660 24.61 -29.90 -36.43
C PRO A 660 24.59 -29.31 -35.04
N GLN A 661 24.22 -28.04 -34.90
CA GLN A 661 24.28 -27.38 -33.60
C GLN A 661 23.14 -27.81 -32.68
N GLN A 662 21.97 -28.12 -33.25
CA GLN A 662 20.84 -28.51 -32.42
C GLN A 662 21.17 -29.72 -31.56
N ARG A 663 22.07 -30.59 -32.03
CA ARG A 663 22.55 -31.66 -31.17
C ARG A 663 23.30 -31.10 -29.97
N LYS A 664 24.09 -30.05 -30.18
CA LYS A 664 24.75 -29.37 -29.08
C LYS A 664 23.82 -28.41 -28.35
N MET A 665 22.61 -28.19 -28.87
CA MET A 665 21.58 -27.47 -28.12
C MET A 665 20.69 -28.40 -27.32
N ALA A 666 20.70 -29.70 -27.64
CA ALA A 666 19.94 -30.68 -26.87
C ALA A 666 20.75 -31.25 -25.71
N GLU A 667 22.06 -31.38 -25.87
CA GLU A 667 22.91 -31.81 -24.76
C GLU A 667 22.85 -30.79 -23.63
N ILE A 668 22.88 -29.50 -23.96
CA ILE A 668 22.87 -28.47 -22.93
C ILE A 668 21.59 -28.52 -22.13
N PHE A 669 20.45 -28.68 -22.79
CA PHE A 669 19.18 -28.74 -22.08
C PHE A 669 19.14 -29.94 -21.13
N LYS A 670 19.55 -31.12 -21.62
CA LYS A 670 19.53 -32.30 -20.78
C LYS A 670 20.66 -32.30 -19.76
N SER A 671 21.79 -31.65 -20.08
CA SER A 671 22.91 -31.61 -19.15
C SER A 671 22.65 -30.64 -18.00
N VAL A 672 21.99 -29.53 -18.27
CA VAL A 672 21.78 -28.49 -17.27
C VAL A 672 20.52 -28.78 -16.47
N PHE A 673 19.37 -28.79 -17.14
CA PHE A 673 18.11 -28.99 -16.43
C PHE A 673 18.02 -30.38 -15.83
N GLY A 674 18.46 -31.40 -16.56
CA GLY A 674 18.43 -32.75 -16.05
C GLY A 674 17.03 -33.23 -15.73
N GLU A 675 16.72 -33.34 -14.44
CA GLU A 675 15.41 -33.87 -14.04
C GLU A 675 14.30 -32.86 -14.28
N LYS A 676 14.59 -31.56 -14.19
CA LYS A 676 13.55 -30.56 -14.37
C LYS A 676 12.92 -30.65 -15.75
N LEU A 677 13.75 -30.83 -16.78
CA LEU A 677 13.24 -30.93 -18.14
C LEU A 677 12.31 -32.13 -18.26
N VAL A 678 11.23 -31.96 -19.01
CA VAL A 678 10.29 -33.04 -19.29
C VAL A 678 10.71 -33.75 -20.57
N ALA A 679 10.86 -35.07 -20.50
CA ALA A 679 11.25 -35.87 -21.65
C ALA A 679 10.13 -36.76 -22.17
N LYS A 680 9.10 -37.01 -21.38
CA LYS A 680 7.99 -37.85 -21.81
C LYS A 680 6.78 -37.53 -20.96
N PHE A 681 5.61 -37.96 -21.43
CA PHE A 681 4.38 -37.74 -20.68
C PHE A 681 4.51 -38.28 -19.27
N LEU A 682 4.46 -37.39 -18.29
CA LEU A 682 4.70 -37.75 -16.90
C LEU A 682 3.45 -38.26 -16.19
N PHE A 683 2.28 -38.10 -16.77
CA PHE A 683 1.02 -38.41 -16.10
C PHE A 683 0.15 -39.29 -16.99
N GLU A 684 -0.49 -40.28 -16.38
CA GLU A 684 -1.36 -41.18 -17.13
C GLU A 684 -2.48 -40.43 -17.82
N THR A 685 -2.94 -39.32 -17.23
CA THR A 685 -4.06 -38.58 -17.80
C THR A 685 -3.73 -38.02 -19.17
N ASP A 686 -2.45 -37.95 -19.54
CA ASP A 686 -2.06 -37.46 -20.86
C ASP A 686 -2.32 -38.47 -21.96
N PHE A 687 -2.66 -39.72 -21.61
CA PHE A 687 -2.94 -40.76 -22.59
C PHE A 687 -4.43 -40.99 -22.80
N SER A 688 -5.28 -40.14 -22.24
CA SER A 688 -6.72 -40.33 -22.33
C SER A 688 -7.20 -40.12 -23.76
N ASP A 689 -8.49 -40.34 -23.98
CA ASP A 689 -9.05 -40.18 -25.32
C ASP A 689 -8.96 -38.72 -25.78
N ASP A 690 -9.26 -37.78 -24.90
CA ASP A 690 -9.18 -36.34 -25.18
C ASP A 690 -8.39 -35.67 -24.08
N PRO A 691 -7.08 -35.88 -24.04
CA PRO A 691 -6.28 -35.39 -22.90
C PRO A 691 -6.27 -33.88 -22.83
N MET A 692 -6.01 -33.39 -21.61
CA MET A 692 -5.77 -31.98 -21.34
C MET A 692 -4.40 -31.84 -20.70
N LEU A 693 -3.80 -30.67 -20.87
CA LEU A 693 -2.49 -30.44 -20.27
C LEU A 693 -2.59 -30.58 -18.75
N PRO A 694 -1.54 -31.06 -18.09
CA PRO A 694 -1.62 -31.29 -16.65
C PRO A 694 -1.71 -29.99 -15.87
N SER A 695 -2.18 -30.10 -14.65
CA SER A 695 -2.35 -28.93 -13.80
C SER A 695 -0.98 -28.33 -13.45
N PRO A 696 -0.90 -27.01 -13.29
CA PRO A 696 0.38 -26.41 -12.90
C PRO A 696 0.91 -26.98 -11.60
N ASP A 697 0.05 -27.39 -10.68
CA ASP A 697 0.52 -28.01 -9.45
C ASP A 697 1.24 -29.33 -9.75
N GLN A 698 0.72 -30.11 -10.68
CA GLN A 698 1.37 -31.38 -11.02
C GLN A 698 2.77 -31.16 -11.58
N LEU A 699 2.93 -30.12 -12.40
CA LEU A 699 4.21 -29.81 -13.03
C LEU A 699 5.08 -28.90 -12.18
N ARG A 700 4.90 -28.91 -10.87
CA ARG A 700 5.67 -28.03 -10.00
C ARG A 700 7.15 -28.33 -10.12
N ARG A 701 7.95 -27.28 -10.27
CA ARG A 701 9.40 -27.40 -10.44
C ARG A 701 9.74 -28.27 -11.66
N LYS A 702 9.17 -27.91 -12.80
CA LYS A 702 9.46 -28.56 -14.07
C LYS A 702 9.64 -27.51 -15.14
N VAL A 703 10.36 -27.87 -16.20
CA VAL A 703 10.63 -26.97 -17.32
C VAL A 703 10.12 -27.62 -18.59
N LEU A 704 9.37 -26.86 -19.38
CA LEU A 704 8.87 -27.31 -20.67
C LEU A 704 9.38 -26.37 -21.75
N LEU A 705 9.83 -26.93 -22.87
CA LEU A 705 10.25 -26.16 -24.01
C LEU A 705 9.31 -26.41 -25.17
N LYS A 706 9.10 -25.37 -25.99
CA LYS A 706 8.18 -25.46 -27.11
C LYS A 706 8.88 -25.01 -28.39
N ASN A 707 8.77 -25.82 -29.43
CA ASN A 707 9.19 -25.47 -30.77
C ASN A 707 8.70 -26.56 -31.70
N LYS A 708 8.89 -26.34 -33.01
CA LYS A 708 8.39 -27.28 -34.00
C LYS A 708 8.86 -28.70 -33.67
N LYS A 709 7.93 -29.63 -33.69
CA LYS A 709 8.20 -31.03 -33.37
C LYS A 709 7.99 -31.90 -34.62
N LEU A 710 8.87 -32.87 -34.79
CA LEU A 710 8.80 -33.75 -35.95
C LEU A 710 7.48 -34.51 -35.96
N LYS A 711 6.93 -34.70 -37.15
CA LYS A 711 5.70 -35.47 -37.33
C LYS A 711 6.09 -36.93 -37.50
N ALA A 712 5.95 -37.71 -36.44
CA ALA A 712 6.35 -39.11 -36.48
C ALA A 712 5.48 -39.88 -37.47
N HIS A 713 6.10 -40.81 -38.18
CA HIS A 713 5.39 -41.65 -39.15
C HIS A 713 5.34 -43.10 -38.67
N TYR A 818 16.17 -0.80 -41.71
CA TYR A 818 15.01 -1.51 -42.24
C TYR A 818 14.64 -2.67 -41.33
N LEU A 819 13.36 -3.01 -41.29
CA LEU A 819 12.89 -4.07 -40.41
C LEU A 819 13.47 -5.41 -40.84
N PRO A 820 14.16 -6.14 -39.96
CA PRO A 820 14.72 -7.44 -40.37
C PRO A 820 13.63 -8.51 -40.40
N GLN A 821 13.51 -9.17 -41.54
CA GLN A 821 12.51 -10.23 -41.73
C GLN A 821 13.17 -11.59 -41.49
N ASN A 822 13.45 -11.85 -40.21
CA ASN A 822 14.11 -13.08 -39.78
C ASN A 822 13.18 -14.00 -39.02
N LYS A 823 11.86 -13.79 -39.12
CA LYS A 823 10.92 -14.58 -38.34
C LYS A 823 10.94 -16.06 -38.72
N LYS A 824 11.48 -16.40 -39.88
CA LYS A 824 11.42 -17.78 -40.38
C LYS A 824 12.43 -18.64 -39.64
N GLU A 825 11.93 -19.62 -38.89
CA GLU A 825 12.79 -20.53 -38.16
C GLU A 825 13.45 -21.53 -39.12
N SER A 826 14.21 -22.47 -38.56
CA SER A 826 14.90 -23.45 -39.37
C SER A 826 13.89 -24.43 -39.97
N ARG A 827 14.01 -24.65 -41.28
CA ARG A 827 13.10 -25.59 -41.95
C ARG A 827 13.27 -27.00 -41.40
N GLN A 828 14.52 -27.43 -41.20
CA GLN A 828 14.81 -28.76 -40.70
C GLN A 828 15.20 -28.68 -39.23
N ILE A 829 14.73 -29.65 -38.44
CA ILE A 829 14.99 -29.69 -37.01
C ILE A 829 15.56 -31.06 -36.66
N ALA A 830 16.49 -31.08 -35.71
CA ALA A 830 17.15 -32.32 -35.35
C ALA A 830 16.18 -33.28 -34.68
N PRO A 831 16.42 -34.59 -34.77
CA PRO A 831 15.59 -35.54 -34.04
C PRO A 831 15.94 -35.67 -32.56
N GLU A 832 16.97 -34.96 -32.09
CA GLU A 832 17.30 -34.94 -30.67
C GLU A 832 16.63 -33.79 -29.94
N LEU A 833 16.74 -32.58 -30.46
CA LEU A 833 16.09 -31.44 -29.83
C LEU A 833 14.57 -31.60 -29.81
N SER A 834 13.99 -32.08 -30.92
CA SER A 834 12.54 -32.19 -30.98
C SER A 834 12.01 -33.17 -29.95
N ASP A 835 12.75 -34.25 -29.68
CA ASP A 835 12.29 -35.24 -28.72
C ASP A 835 12.08 -34.65 -27.34
N LEU A 836 12.73 -33.53 -27.02
CA LEU A 836 12.53 -32.90 -25.72
C LEU A 836 11.18 -32.19 -25.64
N VAL A 837 10.63 -31.79 -26.78
CA VAL A 837 9.34 -31.10 -26.78
C VAL A 837 8.24 -32.11 -26.49
N ILE A 838 7.47 -31.88 -25.44
CA ILE A 838 6.45 -32.82 -25.01
C ILE A 838 5.08 -32.15 -24.91
N TYR A 839 4.95 -31.18 -24.00
CA TYR A 839 3.66 -30.58 -23.69
C TYR A 839 3.41 -29.27 -24.43
N CYS A 840 4.33 -28.82 -25.28
CA CYS A 840 4.14 -27.59 -26.05
C CYS A 840 4.76 -27.83 -27.43
N GLN A 841 3.95 -28.32 -28.37
CA GLN A 841 4.41 -28.66 -29.71
C GLN A 841 3.97 -27.55 -30.66
N ALA A 842 4.77 -26.48 -30.71
CA ALA A 842 4.41 -25.33 -31.51
C ALA A 842 4.19 -25.72 -32.97
N VAL A 843 3.12 -25.18 -33.56
CA VAL A 843 2.81 -25.38 -34.96
C VAL A 843 2.18 -24.11 -35.50
N LYS A 844 2.21 -23.96 -36.82
CA LYS A 844 1.59 -22.81 -37.45
C LYS A 844 0.09 -22.83 -37.17
N PHE A 845 -0.46 -21.67 -36.80
CA PHE A 845 -1.86 -21.56 -36.42
C PHE A 845 -2.75 -22.04 -37.57
N PRO A 846 -3.41 -23.19 -37.44
CA PRO A 846 -4.23 -23.68 -38.56
C PRO A 846 -5.33 -22.73 -38.96
N GLY A 847 -5.90 -22.01 -38.00
CA GLY A 847 -7.00 -21.10 -38.26
C GLY A 847 -8.28 -21.56 -37.58
N LEU A 848 -9.22 -20.62 -37.48
CA LEU A 848 -10.56 -20.90 -36.97
C LEU A 848 -11.62 -20.86 -38.06
N SER A 849 -11.46 -19.99 -39.06
CA SER A 849 -12.35 -20.02 -40.21
C SER A 849 -12.22 -21.33 -40.96
N THR A 850 -11.00 -21.83 -41.11
CA THR A 850 -10.76 -23.09 -41.80
C THR A 850 -11.36 -24.25 -41.01
N THR A 917 -1.60 -36.23 -32.88
CA THR A 917 -1.67 -36.01 -31.45
C THR A 917 -2.91 -35.17 -31.10
N PRO A 918 -3.29 -35.16 -29.82
CA PRO A 918 -4.45 -34.36 -29.42
C PRO A 918 -4.23 -32.89 -29.69
N LYS A 919 -5.34 -32.18 -29.95
CA LYS A 919 -5.29 -30.76 -30.25
C LYS A 919 -4.86 -29.91 -29.06
N CYS A 920 -4.80 -30.49 -27.86
CA CYS A 920 -4.51 -29.71 -26.66
C CYS A 920 -3.05 -29.36 -26.50
N TYR A 921 -2.15 -29.92 -27.31
CA TYR A 921 -0.73 -29.69 -27.15
C TYR A 921 -0.22 -28.55 -28.03
N HIS A 922 -0.76 -28.41 -29.24
CA HIS A 922 -0.24 -27.44 -30.20
C HIS A 922 -0.37 -26.01 -29.69
N ILE A 923 0.75 -25.38 -29.39
CA ILE A 923 0.79 -24.01 -28.91
C ILE A 923 1.23 -23.12 -30.08
N SER A 924 0.28 -22.46 -30.72
CA SER A 924 0.62 -21.53 -31.77
C SER A 924 1.25 -20.28 -31.18
N SER A 925 1.64 -19.35 -32.04
CA SER A 925 2.30 -18.12 -31.61
C SER A 925 2.02 -17.06 -32.66
N LEU A 926 1.15 -16.11 -32.32
CA LEU A 926 0.67 -15.10 -33.26
C LEU A 926 1.06 -13.71 -32.76
N ASN A 927 1.71 -12.94 -33.62
CA ASN A 927 1.99 -11.55 -33.28
C ASN A 927 0.70 -10.81 -32.96
N GLU A 928 0.83 -9.67 -32.27
CA GLU A 928 -0.36 -8.97 -31.81
C GLU A 928 -1.28 -8.62 -32.97
N ASN A 929 -0.72 -8.24 -34.12
CA ASN A 929 -1.56 -7.89 -35.25
C ASN A 929 -2.39 -9.08 -35.72
N ALA A 930 -1.78 -10.26 -35.77
CA ALA A 930 -2.52 -11.45 -36.19
C ALA A 930 -3.52 -11.88 -35.14
N ALA A 931 -3.16 -11.80 -33.86
CA ALA A 931 -4.09 -12.17 -32.80
C ALA A 931 -5.18 -11.12 -32.65
N LYS A 932 -4.81 -9.84 -32.67
CA LYS A 932 -5.80 -8.79 -32.58
C LYS A 932 -6.78 -8.85 -33.76
N ARG A 933 -6.26 -9.07 -34.96
CA ARG A 933 -7.12 -9.22 -36.13
C ARG A 933 -8.01 -10.45 -35.99
N LEU A 934 -7.45 -11.55 -35.48
CA LEU A 934 -8.24 -12.75 -35.31
C LEU A 934 -9.34 -12.57 -34.28
N CYS A 935 -9.04 -11.88 -33.18
CA CYS A 935 -10.02 -11.73 -32.11
C CYS A 935 -11.26 -11.00 -32.60
N ARG A 936 -11.08 -9.88 -33.29
CA ARG A 936 -12.23 -9.09 -33.72
C ARG A 936 -13.12 -9.87 -34.68
N ARG A 937 -12.52 -10.57 -35.64
CA ARG A 937 -13.32 -11.27 -36.64
C ARG A 937 -13.94 -12.55 -36.10
N TYR A 938 -13.28 -13.23 -35.16
CA TYR A 938 -13.72 -14.52 -34.66
C TYR A 938 -13.64 -14.56 -33.14
N SER A 939 -14.20 -13.54 -32.49
CA SER A 939 -14.07 -13.42 -31.04
C SER A 939 -14.65 -14.62 -30.33
N GLN A 940 -15.90 -14.97 -30.63
CA GLN A 940 -16.55 -16.08 -29.94
C GLN A 940 -15.84 -17.40 -30.24
N LYS A 941 -15.39 -17.58 -31.49
CA LYS A 941 -14.70 -18.81 -31.84
C LYS A 941 -13.40 -18.95 -31.07
N LEU A 942 -12.68 -17.85 -30.87
CA LEU A 942 -11.38 -17.93 -30.21
C LEU A 942 -11.53 -18.37 -28.75
N ILE A 943 -12.56 -17.89 -28.06
CA ILE A 943 -12.69 -18.17 -26.63
C ILE A 943 -12.83 -19.67 -26.40
N GLN A 944 -13.55 -20.37 -27.28
CA GLN A 944 -13.70 -21.81 -27.15
C GLN A 944 -12.52 -22.57 -27.73
N HIS A 945 -11.54 -21.87 -28.31
CA HIS A 945 -10.32 -22.49 -28.81
C HIS A 945 -9.20 -22.42 -27.78
N THR A 946 -8.95 -21.22 -27.24
CA THR A 946 -7.88 -21.06 -26.25
C THR A 946 -8.23 -21.67 -24.90
N ALA A 947 -9.46 -22.12 -24.71
CA ALA A 947 -9.86 -22.79 -23.49
C ALA A 947 -9.57 -24.29 -23.52
N CYS A 948 -9.05 -24.81 -24.63
CA CYS A 948 -8.64 -26.20 -24.73
C CYS A 948 -7.19 -26.37 -25.16
N GLN A 949 -6.54 -25.33 -25.67
CA GLN A 949 -5.14 -25.39 -26.03
C GLN A 949 -4.54 -24.00 -25.87
N LEU A 950 -3.26 -23.95 -25.53
CA LEU A 950 -2.64 -22.66 -25.29
C LEU A 950 -2.50 -21.88 -26.59
N LEU A 951 -2.19 -20.59 -26.45
CA LEU A 951 -2.04 -19.71 -27.60
C LEU A 951 -1.20 -18.53 -27.15
N ARG A 952 -0.03 -18.36 -27.75
CA ARG A 952 0.91 -17.34 -27.34
C ARG A 952 0.81 -16.12 -28.24
N THR A 953 1.14 -14.95 -27.67
CA THR A 953 1.14 -13.70 -28.40
C THR A 953 2.35 -12.89 -27.98
N TYR A 954 2.98 -12.22 -28.95
CA TYR A 954 4.13 -11.38 -28.69
C TYR A 954 3.99 -10.09 -29.49
N PRO A 955 4.69 -9.03 -29.07
CA PRO A 955 4.55 -7.75 -29.77
C PRO A 955 4.91 -7.88 -31.25
N ALA A 956 4.30 -7.03 -32.05
CA ALA A 956 4.52 -7.06 -33.49
C ALA A 956 5.94 -6.57 -33.81
N ALA A 957 6.44 -7.02 -34.97
CA ALA A 957 7.77 -6.61 -35.39
C ALA A 957 7.87 -5.10 -35.58
N THR A 958 6.75 -4.45 -35.86
CA THR A 958 6.77 -3.01 -36.10
C THR A 958 7.17 -2.23 -34.85
N ARG A 959 7.10 -2.84 -33.67
CA ARG A 959 7.46 -2.17 -32.42
C ARG A 959 8.96 -2.29 -32.17
N ILE A 960 9.74 -1.71 -33.09
CA ILE A 960 11.18 -1.66 -32.92
C ILE A 960 11.54 -0.86 -31.67
N ASP A 961 10.62 -0.02 -31.19
CA ASP A 961 10.85 0.72 -29.95
C ASP A 961 10.92 -0.18 -28.74
N SER A 962 10.55 -1.46 -28.87
CA SER A 962 10.57 -2.41 -27.77
C SER A 962 9.51 -2.04 -26.73
N SER A 963 8.32 -1.71 -27.20
CA SER A 963 7.18 -1.41 -26.36
C SER A 963 6.33 -2.67 -26.18
N ASN A 964 5.16 -2.52 -25.57
CA ASN A 964 4.28 -3.64 -25.31
C ASN A 964 2.89 -3.35 -25.85
N PRO A 965 2.15 -4.39 -26.25
CA PRO A 965 0.73 -4.21 -26.57
C PRO A 965 -0.14 -4.30 -25.33
N ASN A 966 -1.29 -3.65 -25.40
CA ASN A 966 -2.22 -3.71 -24.29
C ASN A 966 -2.75 -5.13 -24.19
N PRO A 967 -2.56 -5.84 -23.07
CA PRO A 967 -2.96 -7.25 -23.03
C PRO A 967 -4.45 -7.46 -22.80
N LEU A 968 -5.18 -6.47 -22.26
CA LEU A 968 -6.58 -6.69 -21.95
C LEU A 968 -7.37 -7.13 -23.17
N MET A 969 -6.95 -6.74 -24.37
CA MET A 969 -7.62 -7.23 -25.57
C MET A 969 -7.53 -8.74 -25.69
N PHE A 970 -6.38 -9.32 -25.32
CA PHE A 970 -6.16 -10.75 -25.49
C PHE A 970 -6.58 -11.57 -24.29
N TRP A 971 -6.41 -11.04 -23.08
CA TRP A 971 -6.81 -11.78 -21.89
C TRP A 971 -8.29 -12.09 -21.87
N LEU A 972 -9.13 -11.20 -22.41
CA LEU A 972 -10.55 -11.45 -22.46
C LEU A 972 -10.90 -12.70 -23.25
N HIS A 973 -10.13 -13.02 -24.30
CA HIS A 973 -10.47 -14.13 -25.16
C HIS A 973 -9.84 -15.45 -24.75
N GLY A 974 -9.12 -15.48 -23.63
CA GLY A 974 -8.56 -16.70 -23.09
C GLY A 974 -7.09 -16.92 -23.40
N ILE A 975 -6.48 -16.05 -24.21
CA ILE A 975 -5.06 -16.19 -24.52
C ILE A 975 -4.26 -16.22 -23.23
N GLN A 976 -3.41 -17.23 -23.08
CA GLN A 976 -2.64 -17.41 -21.86
C GLN A 976 -1.30 -16.68 -21.88
N LEU A 977 -0.44 -16.97 -22.85
CA LEU A 977 0.92 -16.44 -22.88
C LEU A 977 0.92 -15.16 -23.71
N VAL A 978 0.62 -14.05 -23.05
CA VAL A 978 0.71 -12.73 -23.66
C VAL A 978 2.13 -12.24 -23.37
N ALA A 979 3.04 -12.50 -24.31
CA ALA A 979 4.43 -12.13 -24.11
C ALA A 979 4.59 -10.62 -24.13
N LEU A 980 5.42 -10.11 -23.22
CA LEU A 980 5.66 -8.68 -23.07
C LEU A 980 7.15 -8.42 -22.97
N ASN A 981 7.54 -7.19 -23.33
CA ASN A 981 8.92 -6.74 -23.22
C ASN A 981 9.13 -6.21 -21.80
N TYR A 982 9.84 -6.96 -20.97
CA TYR A 982 10.07 -6.58 -19.58
C TYR A 982 11.10 -5.47 -19.43
N GLN A 983 11.89 -5.18 -20.46
CA GLN A 983 12.87 -4.11 -20.35
C GLN A 983 12.24 -2.73 -20.37
N THR A 984 11.06 -2.59 -20.96
CA THR A 984 10.36 -1.31 -21.03
C THR A 984 9.23 -1.29 -20.02
N ASP A 985 9.12 -0.17 -19.29
CA ASP A 985 8.12 -0.01 -18.24
C ASP A 985 7.07 0.99 -18.71
N ASP A 986 5.96 0.46 -19.22
CA ASP A 986 4.81 1.26 -19.64
C ASP A 986 3.55 0.62 -19.07
N LEU A 987 2.40 1.25 -19.32
CA LEU A 987 1.14 0.72 -18.79
C LEU A 987 0.91 -0.74 -19.13
N PRO A 988 1.12 -1.20 -20.36
CA PRO A 988 0.84 -2.62 -20.66
C PRO A 988 1.63 -3.58 -19.80
N LEU A 989 2.78 -3.17 -19.28
CA LEU A 989 3.56 -4.02 -18.41
C LEU A 989 3.13 -3.94 -16.94
N HIS A 990 2.46 -2.85 -16.56
CA HIS A 990 1.94 -2.77 -15.20
C HIS A 990 0.68 -3.62 -15.04
N LEU A 991 -0.12 -3.76 -16.09
CA LEU A 991 -1.26 -4.65 -16.04
C LEU A 991 -0.82 -6.09 -15.81
N ASN A 992 0.24 -6.53 -16.50
CA ASN A 992 0.75 -7.87 -16.28
C ASN A 992 1.25 -8.03 -14.85
N ALA A 993 1.96 -7.03 -14.34
CA ALA A 993 2.38 -7.06 -12.95
C ALA A 993 1.19 -7.02 -12.00
N ALA A 994 0.21 -6.17 -12.30
CA ALA A 994 -0.96 -6.06 -11.45
C ALA A 994 -1.76 -7.35 -11.41
N MET A 995 -1.97 -7.97 -12.57
CA MET A 995 -2.75 -9.21 -12.60
C MET A 995 -2.03 -10.34 -11.87
N PHE A 996 -0.73 -10.47 -12.07
CA PHE A 996 0.02 -11.62 -11.58
C PHE A 996 0.61 -11.42 -10.20
N GLU A 997 0.34 -10.28 -9.55
CA GLU A 997 0.67 -10.15 -8.14
C GLU A 997 -0.29 -10.91 -7.24
N ALA A 998 -1.39 -11.42 -7.81
CA ALA A 998 -2.37 -12.19 -7.05
C ALA A 998 -2.03 -13.68 -7.13
N ASN A 999 -2.78 -14.47 -6.36
CA ASN A 999 -2.59 -15.91 -6.31
C ASN A 999 -1.15 -16.26 -5.93
N GLY A 1000 -0.57 -15.47 -5.04
CA GLY A 1000 0.76 -15.74 -4.53
C GLY A 1000 1.90 -15.29 -5.41
N GLY A 1001 1.61 -14.69 -6.57
CA GLY A 1001 2.67 -14.30 -7.47
C GLY A 1001 3.31 -15.45 -8.21
N CYS A 1002 2.63 -16.60 -8.30
CA CYS A 1002 3.21 -17.78 -8.93
C CYS A 1002 3.31 -17.64 -10.44
N GLY A 1003 2.65 -16.66 -11.04
CA GLY A 1003 2.63 -16.52 -12.48
C GLY A 1003 1.51 -17.27 -13.18
N TYR A 1004 0.69 -18.01 -12.43
CA TYR A 1004 -0.44 -18.74 -12.99
C TYR A 1004 -1.71 -18.25 -12.28
N VAL A 1005 -2.54 -17.50 -13.00
CA VAL A 1005 -3.78 -16.97 -12.47
C VAL A 1005 -4.93 -17.56 -13.27
N LEU A 1006 -5.88 -18.18 -12.57
CA LEU A 1006 -6.96 -18.87 -13.25
C LEU A 1006 -7.80 -17.90 -14.07
N LYS A 1007 -8.27 -18.36 -15.22
CA LYS A 1007 -9.07 -17.53 -16.10
C LYS A 1007 -10.49 -17.39 -15.56
N PRO A 1008 -11.19 -16.32 -15.91
CA PRO A 1008 -12.56 -16.13 -15.43
C PRO A 1008 -13.43 -17.33 -15.74
N PRO A 1009 -14.37 -17.69 -14.86
CA PRO A 1009 -15.16 -18.90 -15.07
C PRO A 1009 -16.04 -18.86 -16.31
N VAL A 1010 -16.33 -17.69 -16.86
CA VAL A 1010 -17.12 -17.63 -18.09
C VAL A 1010 -16.46 -18.45 -19.17
N LEU A 1011 -15.12 -18.49 -19.19
CA LEU A 1011 -14.37 -19.35 -20.09
C LEU A 1011 -14.20 -20.72 -19.44
N TRP A 1012 -13.78 -21.69 -20.25
CA TRP A 1012 -13.34 -23.00 -19.76
C TRP A 1012 -14.32 -23.70 -18.83
N ASP A 1013 -15.57 -23.22 -18.75
CA ASP A 1013 -16.51 -23.79 -17.80
C ASP A 1013 -17.84 -24.04 -18.48
N LYS A 1014 -18.35 -25.26 -18.33
CA LYS A 1014 -19.66 -25.62 -18.88
C LYS A 1014 -20.80 -25.43 -17.90
N SER A 1015 -20.49 -25.16 -16.62
CA SER A 1015 -21.52 -24.86 -15.64
C SER A 1015 -21.97 -23.41 -15.69
N CYS A 1016 -21.14 -22.52 -16.20
CA CYS A 1016 -21.52 -21.11 -16.29
C CYS A 1016 -22.66 -20.94 -17.29
N PRO A 1017 -23.76 -20.29 -16.91
CA PRO A 1017 -24.85 -20.10 -17.88
C PRO A 1017 -24.47 -19.25 -19.08
N MET A 1018 -23.40 -18.47 -18.98
CA MET A 1018 -22.93 -17.62 -20.06
C MET A 1018 -21.71 -18.21 -20.77
N TYR A 1019 -21.67 -19.54 -20.91
CA TYR A 1019 -20.49 -20.21 -21.44
C TYR A 1019 -20.18 -19.76 -22.86
N GLN A 1020 -21.06 -20.09 -23.80
CA GLN A 1020 -20.79 -19.90 -25.21
C GLN A 1020 -21.35 -18.60 -25.77
N LYS A 1021 -21.98 -17.77 -24.96
CA LYS A 1021 -22.62 -16.56 -25.42
C LYS A 1021 -21.80 -15.31 -25.14
N PHE A 1022 -20.57 -15.46 -24.66
CA PHE A 1022 -19.76 -14.33 -24.23
C PHE A 1022 -18.91 -13.84 -25.39
N SER A 1023 -19.17 -12.61 -25.84
CA SER A 1023 -18.45 -11.98 -26.94
C SER A 1023 -17.91 -10.64 -26.47
N PRO A 1024 -16.69 -10.61 -25.93
CA PRO A 1024 -16.20 -9.37 -25.31
C PRO A 1024 -16.21 -8.17 -26.22
N LEU A 1025 -15.98 -8.33 -27.52
CA LEU A 1025 -15.87 -7.19 -28.41
C LEU A 1025 -17.20 -6.51 -28.70
N GLU A 1026 -18.33 -7.10 -28.29
CA GLU A 1026 -19.62 -6.46 -28.51
C GLU A 1026 -19.67 -5.11 -27.81
N ARG A 1027 -20.19 -4.11 -28.50
CA ARG A 1027 -20.23 -2.75 -27.99
C ARG A 1027 -21.43 -2.45 -27.11
N ASP A 1028 -22.40 -3.36 -27.02
CA ASP A 1028 -23.59 -3.12 -26.22
C ASP A 1028 -24.31 -4.43 -25.97
N LEU A 1029 -24.51 -4.75 -24.68
CA LEU A 1029 -25.27 -5.93 -24.27
C LEU A 1029 -26.23 -5.49 -23.17
N ASP A 1030 -27.50 -5.29 -23.52
CA ASP A 1030 -28.51 -4.87 -22.57
C ASP A 1030 -29.37 -6.04 -22.08
N ALA A 1031 -28.86 -7.26 -22.17
CA ALA A 1031 -29.58 -8.43 -21.71
C ALA A 1031 -29.25 -8.81 -20.27
N MET A 1032 -28.43 -8.00 -19.58
CA MET A 1032 -28.07 -8.27 -18.20
C MET A 1032 -27.94 -6.95 -17.45
N ASP A 1033 -28.11 -7.04 -16.13
CA ASP A 1033 -27.98 -5.88 -15.26
C ASP A 1033 -26.57 -5.86 -14.68
N PRO A 1034 -25.75 -4.84 -14.96
CA PRO A 1034 -24.40 -4.81 -14.37
C PRO A 1034 -24.46 -4.50 -12.88
N ALA A 1035 -23.33 -4.75 -12.23
CA ALA A 1035 -23.19 -4.48 -10.79
C ALA A 1035 -22.64 -3.08 -10.64
N THR A 1036 -23.52 -2.11 -10.38
CA THR A 1036 -23.11 -0.73 -10.27
C THR A 1036 -22.05 -0.57 -9.18
N TYR A 1037 -20.99 0.15 -9.49
CA TYR A 1037 -19.90 0.42 -8.56
C TYR A 1037 -19.84 1.91 -8.25
N SER A 1038 -19.58 2.23 -7.00
CA SER A 1038 -19.39 3.62 -6.56
C SER A 1038 -17.99 3.75 -5.99
N LEU A 1039 -17.25 4.73 -6.48
CA LEU A 1039 -15.89 5.00 -6.04
C LEU A 1039 -15.79 6.45 -5.61
N THR A 1040 -15.13 6.69 -4.48
CA THR A 1040 -14.97 8.03 -3.93
C THR A 1040 -13.50 8.24 -3.60
N ILE A 1041 -12.89 9.25 -4.20
CA ILE A 1041 -11.49 9.59 -3.93
C ILE A 1041 -11.53 10.61 -2.78
N ILE A 1042 -11.55 10.10 -1.55
CA ILE A 1042 -11.66 10.98 -0.39
C ILE A 1042 -10.48 11.94 -0.34
N SER A 1043 -9.27 11.40 -0.22
CA SER A 1043 -8.09 12.23 -0.12
C SER A 1043 -6.85 11.36 -0.36
N GLY A 1044 -5.71 12.04 -0.52
CA GLY A 1044 -4.45 11.36 -0.66
C GLY A 1044 -3.39 12.03 0.19
N GLN A 1045 -2.33 11.28 0.45
CA GLN A 1045 -1.22 11.75 1.28
C GLN A 1045 0.10 11.50 0.55
N ASN A 1046 0.90 12.55 0.42
CA ASN A 1046 2.19 12.47 -0.25
C ASN A 1046 2.06 11.83 -1.63
N VAL A 1047 1.19 12.44 -2.45
CA VAL A 1047 0.94 11.91 -3.79
C VAL A 1047 1.94 12.41 -4.82
N CYS A 1048 2.85 13.30 -4.43
CA CYS A 1048 3.91 13.80 -5.32
C CYS A 1048 5.23 13.77 -4.56
N PRO A 1049 5.80 12.58 -4.36
CA PRO A 1049 7.07 12.50 -3.64
C PRO A 1049 8.15 13.31 -4.33
N SER A 1050 9.00 13.95 -3.53
CA SER A 1050 10.10 14.81 -3.97
C SER A 1050 9.62 16.08 -4.65
N ASN A 1051 8.31 16.32 -4.73
CA ASN A 1051 7.76 17.55 -5.32
C ASN A 1051 6.76 18.11 -4.31
N SER A 1052 7.26 18.92 -3.37
CA SER A 1052 6.40 19.49 -2.36
C SER A 1052 5.33 20.37 -2.99
N THR A 1053 5.72 21.21 -3.94
CA THR A 1053 4.79 22.11 -4.61
C THR A 1053 4.24 21.43 -5.85
N GLY A 1054 2.92 21.24 -5.88
CA GLY A 1054 2.30 20.58 -7.02
C GLY A 1054 0.79 20.71 -6.95
N SER A 1055 0.14 20.33 -8.03
CA SER A 1055 -1.31 20.39 -8.16
C SER A 1055 -1.81 19.03 -8.64
N PRO A 1056 -1.79 18.02 -7.77
CA PRO A 1056 -2.12 16.67 -8.21
C PRO A 1056 -3.60 16.47 -8.46
N CYS A 1057 -3.91 15.71 -9.51
CA CYS A 1057 -5.27 15.25 -9.78
C CYS A 1057 -5.19 13.78 -10.11
N ILE A 1058 -6.10 12.99 -9.53
CA ILE A 1058 -6.08 11.54 -9.66
C ILE A 1058 -7.02 11.14 -10.79
N GLU A 1059 -6.49 10.39 -11.75
CA GLU A 1059 -7.26 9.88 -12.87
C GLU A 1059 -7.53 8.41 -12.65
N VAL A 1060 -8.81 8.02 -12.67
CA VAL A 1060 -9.23 6.64 -12.47
C VAL A 1060 -9.70 6.10 -13.81
N ASP A 1061 -8.98 5.10 -14.34
CA ASP A 1061 -9.32 4.47 -15.60
C ASP A 1061 -9.74 3.02 -15.34
N VAL A 1062 -10.91 2.66 -15.83
CA VAL A 1062 -11.39 1.28 -15.72
C VAL A 1062 -10.99 0.57 -17.00
N LEU A 1063 -10.08 -0.39 -16.89
CA LEU A 1063 -9.51 -1.10 -18.03
C LEU A 1063 -10.18 -2.46 -18.11
N GLY A 1064 -11.23 -2.54 -18.91
CA GLY A 1064 -11.94 -3.81 -19.11
C GLY A 1064 -12.34 -4.00 -20.56
N MET A 1065 -13.53 -4.55 -20.78
CA MET A 1065 -14.03 -4.74 -22.13
C MET A 1065 -14.24 -3.35 -22.73
N PRO A 1066 -14.57 -3.24 -24.01
CA PRO A 1066 -14.92 -1.93 -24.58
C PRO A 1066 -16.34 -1.47 -24.26
N LEU A 1067 -17.06 -2.21 -23.42
CA LEU A 1067 -18.40 -1.86 -23.01
C LEU A 1067 -18.45 -1.25 -21.62
N ASP A 1068 -17.50 -1.58 -20.75
CA ASP A 1068 -17.48 -1.12 -19.37
C ASP A 1068 -16.10 -0.58 -19.01
N SER A 1069 -15.54 0.22 -19.91
CA SER A 1069 -14.27 0.90 -19.67
C SER A 1069 -14.48 2.40 -19.79
N CYS A 1070 -14.03 3.13 -18.77
CA CYS A 1070 -14.21 4.58 -18.75
C CYS A 1070 -13.14 5.18 -17.87
N HIS A 1071 -12.94 6.49 -18.01
CA HIS A 1071 -11.96 7.22 -17.23
C HIS A 1071 -12.63 8.39 -16.53
N PHE A 1072 -12.08 8.76 -15.37
CA PHE A 1072 -12.59 9.85 -14.57
C PHE A 1072 -11.44 10.75 -14.14
N ARG A 1073 -11.75 12.03 -13.92
CA ARG A 1073 -10.78 13.02 -13.49
C ARG A 1073 -11.31 13.76 -12.27
N THR A 1074 -10.43 13.96 -11.29
CA THR A 1074 -10.75 14.75 -10.11
C THR A 1074 -10.22 16.17 -10.29
N LYS A 1075 -11.01 17.13 -9.84
CA LYS A 1075 -10.61 18.53 -10.01
C LYS A 1075 -9.29 18.78 -9.30
N PRO A 1076 -8.35 19.51 -9.92
CA PRO A 1076 -7.05 19.70 -9.31
C PRO A 1076 -7.14 20.51 -8.03
N ILE A 1077 -6.21 20.24 -7.12
CA ILE A 1077 -6.05 20.99 -5.88
C ILE A 1077 -4.67 21.62 -5.90
N HIS A 1078 -4.61 22.94 -5.78
CA HIS A 1078 -3.38 23.68 -6.04
C HIS A 1078 -2.44 23.67 -4.86
N ARG A 1079 -1.16 23.45 -5.15
CA ARG A 1079 -0.08 23.64 -4.18
C ARG A 1079 -0.33 22.85 -2.90
N ASN A 1080 -0.75 21.60 -3.06
CA ASN A 1080 -1.03 20.74 -1.90
C ASN A 1080 -0.78 19.30 -2.30
N THR A 1081 0.38 18.77 -1.92
CA THR A 1081 0.71 17.37 -2.14
C THR A 1081 0.87 16.59 -0.84
N LEU A 1082 1.09 17.25 0.29
CA LEU A 1082 1.20 16.53 1.55
C LEU A 1082 -0.09 15.80 1.88
N ASN A 1083 -1.23 16.46 1.69
CA ASN A 1083 -2.53 15.87 2.02
C ASN A 1083 -3.63 16.50 1.18
N PRO A 1084 -3.62 16.31 -0.13
CA PRO A 1084 -4.74 16.80 -0.94
C PRO A 1084 -6.03 16.08 -0.60
N MET A 1085 -7.14 16.80 -0.72
CA MET A 1085 -8.47 16.25 -0.42
C MET A 1085 -9.44 16.75 -1.47
N TRP A 1086 -9.70 15.92 -2.48
CA TRP A 1086 -10.64 16.26 -3.54
C TRP A 1086 -12.07 15.83 -3.19
N ASN A 1087 -12.23 14.58 -2.76
CA ASN A 1087 -13.51 14.06 -2.31
C ASN A 1087 -14.51 13.92 -3.45
N GLU A 1088 -14.02 13.56 -4.63
CA GLU A 1088 -14.90 13.30 -5.77
C GLU A 1088 -15.54 11.93 -5.65
N GLN A 1089 -16.65 11.75 -6.35
CA GLN A 1089 -17.34 10.48 -6.42
C GLN A 1089 -17.51 10.08 -7.88
N PHE A 1090 -17.24 8.80 -8.17
CA PHE A 1090 -17.33 8.26 -9.52
C PHE A 1090 -18.14 6.99 -9.50
N LEU A 1091 -19.10 6.87 -10.41
CA LEU A 1091 -19.94 5.70 -10.54
C LEU A 1091 -19.75 5.08 -11.91
N PHE A 1092 -19.48 3.78 -11.94
CA PHE A 1092 -19.34 3.05 -13.19
C PHE A 1092 -20.03 1.69 -13.05
N ARG A 1093 -20.55 1.19 -14.17
CA ARG A 1093 -21.22 -0.11 -14.21
C ARG A 1093 -20.34 -1.09 -14.97
N VAL A 1094 -20.13 -2.26 -14.38
CA VAL A 1094 -19.30 -3.30 -14.97
C VAL A 1094 -20.14 -4.55 -15.16
N HIS A 1095 -20.13 -5.10 -16.37
CA HIS A 1095 -20.84 -6.35 -16.65
C HIS A 1095 -19.96 -7.56 -16.37
N PHE A 1096 -18.75 -7.57 -16.92
CA PHE A 1096 -17.80 -8.67 -16.75
C PHE A 1096 -16.77 -8.21 -15.72
N GLU A 1097 -17.08 -8.43 -14.43
CA GLU A 1097 -16.24 -7.93 -13.36
C GLU A 1097 -15.09 -8.87 -13.03
N ASP A 1098 -15.07 -10.09 -13.58
CA ASP A 1098 -13.97 -11.01 -13.30
C ASP A 1098 -12.64 -10.46 -13.79
N LEU A 1099 -12.65 -9.76 -14.93
CA LEU A 1099 -11.43 -9.21 -15.51
C LEU A 1099 -11.64 -7.73 -15.80
N VAL A 1100 -11.41 -6.90 -14.78
CA VAL A 1100 -11.41 -5.45 -14.92
C VAL A 1100 -10.36 -4.91 -13.96
N PHE A 1101 -9.59 -3.92 -14.44
CA PHE A 1101 -8.48 -3.37 -13.68
C PHE A 1101 -8.68 -1.87 -13.51
N LEU A 1102 -8.94 -1.44 -12.29
CA LEU A 1102 -8.88 -0.02 -11.98
C LEU A 1102 -7.44 0.47 -12.08
N ARG A 1103 -7.29 1.76 -12.34
CA ARG A 1103 -5.96 2.35 -12.42
C ARG A 1103 -6.03 3.77 -11.90
N PHE A 1104 -5.39 4.02 -10.77
CA PHE A 1104 -5.28 5.36 -10.20
C PHE A 1104 -3.92 5.92 -10.57
N ALA A 1105 -3.90 7.12 -11.15
CA ALA A 1105 -2.67 7.72 -11.66
C ALA A 1105 -2.64 9.18 -11.27
N VAL A 1106 -1.76 9.52 -10.31
CA VAL A 1106 -1.61 10.91 -9.91
C VAL A 1106 -0.98 11.69 -11.06
N VAL A 1107 -1.53 12.87 -11.34
CA VAL A 1107 -1.07 13.70 -12.44
C VAL A 1107 -0.98 15.14 -11.95
N GLU A 1108 0.15 15.78 -12.21
CA GLU A 1108 0.33 17.21 -11.90
C GLU A 1108 -0.12 18.02 -13.10
N ASN A 1109 -1.14 18.85 -12.92
CA ASN A 1109 -1.66 19.63 -14.04
C ASN A 1109 -0.62 20.61 -14.57
N ASN A 1110 0.28 21.10 -13.71
CA ASN A 1110 1.30 22.04 -14.17
C ASN A 1110 2.21 21.39 -15.21
N SER A 1111 2.60 20.13 -14.98
CA SER A 1111 3.46 19.41 -15.90
C SER A 1111 2.73 18.33 -16.69
N SER A 1112 1.54 17.92 -16.25
CA SER A 1112 0.76 16.88 -16.93
C SER A 1112 1.55 15.58 -17.04
N ALA A 1113 2.44 15.33 -16.09
CA ALA A 1113 3.28 14.13 -16.08
C ALA A 1113 2.93 13.27 -14.87
N ILE A 1114 2.60 12.01 -15.11
CA ILE A 1114 2.29 11.11 -14.01
C ILE A 1114 3.48 11.04 -13.06
N THR A 1115 3.19 10.86 -11.78
CA THR A 1115 4.23 10.70 -10.77
C THR A 1115 3.95 9.57 -9.78
N ALA A 1116 2.80 8.91 -9.89
CA ALA A 1116 2.49 7.76 -9.05
C ALA A 1116 1.25 7.05 -9.57
N GLN A 1117 1.32 5.74 -9.73
CA GLN A 1117 0.21 4.98 -10.29
C GLN A 1117 0.04 3.66 -9.54
N ARG A 1118 -1.16 3.11 -9.61
CA ARG A 1118 -1.46 1.82 -9.00
C ARG A 1118 -2.61 1.18 -9.75
N ILE A 1119 -2.44 -0.08 -10.15
CA ILE A 1119 -3.44 -0.83 -10.91
C ILE A 1119 -3.84 -2.04 -10.08
N ILE A 1120 -5.12 -2.11 -9.73
CA ILE A 1120 -5.64 -3.24 -8.96
C ILE A 1120 -6.93 -3.74 -9.60
N PRO A 1121 -7.18 -5.05 -9.62
CA PRO A 1121 -8.45 -5.54 -10.15
C PRO A 1121 -9.61 -5.06 -9.29
N LEU A 1122 -10.75 -4.82 -9.94
CA LEU A 1122 -11.96 -4.52 -9.19
C LEU A 1122 -12.40 -5.71 -8.35
N LYS A 1123 -12.09 -6.93 -8.79
CA LYS A 1123 -12.42 -8.11 -8.02
C LYS A 1123 -11.58 -8.23 -6.76
N ALA A 1124 -10.53 -7.43 -6.62
CA ALA A 1124 -9.63 -7.46 -5.47
C ALA A 1124 -9.50 -6.07 -4.86
N LEU A 1125 -10.65 -5.41 -4.68
CA LEU A 1125 -10.71 -4.08 -4.09
C LEU A 1125 -11.65 -4.16 -2.88
N LYS A 1126 -11.08 -4.01 -1.69
CA LYS A 1126 -11.87 -4.13 -0.47
C LYS A 1126 -12.91 -3.02 -0.38
N ARG A 1127 -14.05 -3.35 0.22
CA ARG A 1127 -15.14 -2.41 0.41
C ARG A 1127 -14.82 -1.44 1.54
N GLY A 1128 -15.44 -0.27 1.49
CA GLY A 1128 -15.38 0.67 2.59
C GLY A 1128 -14.23 1.65 2.48
N TYR A 1129 -13.90 2.25 3.62
CA TYR A 1129 -12.83 3.23 3.70
C TYR A 1129 -11.49 2.50 3.78
N ARG A 1130 -10.76 2.48 2.67
CA ARG A 1130 -9.50 1.77 2.59
C ARG A 1130 -8.44 2.67 1.96
N HIS A 1131 -7.18 2.40 2.31
CA HIS A 1131 -6.05 3.12 1.76
C HIS A 1131 -5.51 2.38 0.55
N LEU A 1132 -5.05 3.15 -0.44
CA LEU A 1132 -4.46 2.60 -1.65
C LEU A 1132 -2.99 3.00 -1.70
N GLN A 1133 -2.11 2.02 -1.87
CA GLN A 1133 -0.68 2.25 -1.88
C GLN A 1133 -0.22 2.49 -3.31
N LEU A 1134 0.21 3.73 -3.58
CA LEU A 1134 0.64 4.11 -4.92
C LEU A 1134 2.04 3.59 -5.20
N ARG A 1135 2.44 3.68 -6.47
CA ARG A 1135 3.74 3.23 -6.93
C ARG A 1135 4.24 4.16 -8.02
N ASN A 1136 5.56 4.20 -8.19
CA ASN A 1136 6.17 5.09 -9.16
C ASN A 1136 6.02 4.53 -10.57
N LEU A 1137 6.61 5.23 -11.54
CA LEU A 1137 6.46 4.83 -12.94
C LEU A 1137 7.10 3.48 -13.21
N HIS A 1138 8.19 3.15 -12.51
CA HIS A 1138 8.82 1.86 -12.66
C HIS A 1138 8.10 0.75 -11.90
N ASN A 1139 6.89 1.02 -11.42
CA ASN A 1139 6.10 0.02 -10.68
C ASN A 1139 6.82 -0.44 -9.43
N GLU A 1140 7.53 0.49 -8.78
CA GLU A 1140 8.16 0.23 -7.50
C GLU A 1140 7.33 0.89 -6.40
N ILE A 1141 7.27 0.23 -5.24
CA ILE A 1141 6.39 0.68 -4.17
C ILE A 1141 6.90 2.01 -3.63
N LEU A 1142 6.00 2.98 -3.53
CA LEU A 1142 6.27 4.24 -2.84
C LEU A 1142 5.89 4.07 -1.37
N GLU A 1143 6.84 4.36 -0.48
CA GLU A 1143 6.67 3.97 0.92
C GLU A 1143 5.56 4.76 1.60
N ILE A 1144 5.58 6.08 1.45
CA ILE A 1144 4.67 6.94 2.21
C ILE A 1144 3.46 7.33 1.38
N SER A 1145 3.62 7.37 0.07
CA SER A 1145 2.53 7.78 -0.80
C SER A 1145 1.39 6.78 -0.74
N SER A 1146 0.15 7.28 -0.82
CA SER A 1146 -1.03 6.43 -0.80
C SER A 1146 -2.25 7.31 -1.06
N LEU A 1147 -3.40 6.66 -1.23
CA LEU A 1147 -4.68 7.32 -1.45
C LEU A 1147 -5.71 6.74 -0.51
N PHE A 1148 -6.63 7.58 -0.05
CA PHE A 1148 -7.73 7.18 0.82
C PHE A 1148 -9.02 7.23 0.01
N ILE A 1149 -9.67 6.09 -0.14
CA ILE A 1149 -10.83 5.97 -1.01
C ILE A 1149 -11.95 5.24 -0.28
N ASN A 1150 -13.19 5.52 -0.68
CA ASN A 1150 -14.36 4.76 -0.27
C ASN A 1150 -14.94 4.11 -1.52
N SER A 1151 -15.11 2.79 -1.48
CA SER A 1151 -15.54 2.03 -2.65
C SER A 1151 -16.60 1.02 -2.20
N ARG A 1152 -17.86 1.28 -2.55
CA ARG A 1152 -18.96 0.40 -2.22
C ARG A 1152 -19.56 -0.15 -3.50
N ARG A 1153 -19.76 -1.46 -3.55
CA ARG A 1153 -20.35 -2.13 -4.71
C ARG A 1153 -21.86 -2.19 -4.52
N MET A 1154 -22.56 -1.24 -5.12
CA MET A 1154 -24.01 -1.25 -5.08
C MET A 1154 -24.55 -2.37 -5.97
N GLU A 1155 -25.87 -2.48 -6.03
CA GLU A 1155 -26.51 -3.48 -6.86
C GLU A 1155 -27.95 -3.05 -7.13
N ASP A 1156 -28.44 -3.35 -8.33
CA ASP A 1156 -29.81 -3.02 -8.71
C ASP A 1156 -30.75 -4.14 -8.28
N ASN A 1157 -31.99 -3.77 -7.99
CA ASN A 1157 -32.98 -4.73 -7.53
C ASN A 1157 -33.45 -5.59 -8.70
N PRO A 1158 -33.36 -6.92 -8.61
CA PRO A 1158 -33.81 -7.78 -9.72
C PRO A 1158 -35.33 -7.90 -9.73
N SER A 1159 -35.96 -7.29 -10.73
CA SER A 1159 -37.41 -7.33 -10.88
C SER A 1159 -37.88 -8.48 -11.78
N GLY A 1160 -36.96 -9.29 -12.29
CA GLY A 1160 -37.28 -10.40 -13.15
C GLY A 1160 -37.15 -10.09 -14.63
N SER A 1161 -37.15 -8.82 -15.02
CA SER A 1161 -37.01 -8.47 -16.42
C SER A 1161 -35.63 -8.89 -16.95
N THR A 1162 -34.58 -8.51 -16.24
CA THR A 1162 -33.21 -8.86 -16.58
C THR A 1162 -32.53 -9.46 -15.37
N ARG A 1163 -31.42 -10.17 -15.62
CA ARG A 1163 -30.72 -10.87 -14.56
C ARG A 1163 -29.42 -10.16 -14.20
N PRO A 1164 -28.99 -10.23 -12.94
CA PRO A 1164 -27.74 -9.56 -12.56
C PRO A 1164 -26.55 -10.11 -13.33
N ALA A 1165 -25.62 -9.23 -13.67
CA ALA A 1165 -24.42 -9.66 -14.38
C ALA A 1165 -23.63 -10.66 -13.57
N SER A 1166 -23.52 -10.43 -12.26
CA SER A 1166 -22.75 -11.34 -11.41
C SER A 1166 -23.33 -12.76 -11.47
N LEU A 1167 -24.66 -12.88 -11.46
CA LEU A 1167 -25.28 -14.21 -11.47
C LEU A 1167 -24.94 -14.96 -12.75
N MET A 1168 -24.94 -14.26 -13.89
CA MET A 1168 -24.70 -14.93 -15.16
C MET A 1168 -23.26 -15.42 -15.27
N PHE A 1169 -22.30 -14.50 -15.21
CA PHE A 1169 -20.90 -14.89 -15.41
C PHE A 1169 -20.43 -15.85 -14.32
N ASN A 1170 -20.78 -15.58 -13.07
CA ASN A 1170 -20.32 -16.41 -11.96
C ASN A 1170 -20.91 -17.81 -12.09
N THR A 1171 -20.05 -18.82 -12.15
CA THR A 1171 -20.51 -20.19 -12.27
C THR A 1171 -21.28 -20.62 -11.04
N GLU A 1172 -22.21 -21.56 -11.23
CA GLU A 1172 -23.07 -21.98 -10.14
C GLU A 1172 -22.27 -22.62 -9.01
N GLU A 1173 -21.26 -23.43 -9.36
CA GLU A 1173 -20.47 -24.11 -8.34
C GLU A 1173 -19.76 -23.11 -7.43
N ARG A 1174 -19.20 -22.04 -8.02
CA ARG A 1174 -18.48 -21.06 -7.22
C ARG A 1174 -19.39 -20.33 -6.25
N LYS A 1175 -20.69 -20.23 -6.57
CA LYS A 1175 -21.61 -19.56 -5.67
C LYS A 1175 -21.71 -20.29 -4.34
N CYS A 1176 -21.74 -21.63 -4.37
CA CYS A 1176 -21.82 -22.39 -3.13
C CYS A 1176 -20.67 -22.04 -2.18
N SER A 1177 -19.51 -21.68 -2.73
CA SER A 1177 -18.37 -21.32 -1.90
C SER A 1177 -18.57 -19.98 -1.21
N GLN A 1178 -19.44 -19.12 -1.74
CA GLN A 1178 -19.68 -17.82 -1.11
C GLN A 1178 -20.30 -18.01 0.27
N THR A 1179 -19.84 -17.19 1.22
CA THR A 1179 -20.39 -17.17 2.56
C THR A 1179 -20.48 -15.72 3.03
N HIS A 1180 -21.39 -15.47 3.96
CA HIS A 1180 -21.60 -14.13 4.49
C HIS A 1180 -21.80 -14.21 5.99
N LYS A 1181 -21.36 -13.17 6.69
CA LYS A 1181 -21.49 -13.07 8.13
C LYS A 1181 -22.37 -11.87 8.48
N VAL A 1182 -23.34 -12.08 9.36
CA VAL A 1182 -24.28 -11.04 9.77
C VAL A 1182 -24.26 -10.97 11.28
N THR A 1183 -24.13 -9.75 11.81
CA THR A 1183 -24.12 -9.54 13.26
C THR A 1183 -25.54 -9.34 13.76
N VAL A 1184 -25.92 -10.12 14.76
CA VAL A 1184 -27.24 -10.05 15.36
C VAL A 1184 -27.08 -9.65 16.82
N HIS A 1185 -27.76 -8.57 17.21
CA HIS A 1185 -27.72 -8.10 18.58
C HIS A 1185 -28.72 -8.86 19.44
N GLY A 1186 -28.67 -8.58 20.75
CA GLY A 1186 -29.65 -9.16 21.66
C GLY A 1186 -29.60 -10.66 21.75
N VAL A 1187 -28.54 -11.29 21.26
CA VAL A 1187 -28.45 -12.76 21.33
C VAL A 1187 -28.32 -13.17 22.79
N PRO A 1188 -28.92 -14.29 23.21
CA PRO A 1188 -28.73 -14.73 24.60
C PRO A 1188 -27.26 -14.95 24.91
N GLY A 1189 -26.87 -14.57 26.12
CA GLY A 1189 -25.49 -14.68 26.55
C GLY A 1189 -24.90 -13.33 26.92
N PRO A 1190 -23.76 -13.35 27.60
CA PRO A 1190 -23.15 -12.08 28.04
C PRO A 1190 -22.79 -11.16 26.88
N GLU A 1191 -22.37 -11.70 25.75
CA GLU A 1191 -21.92 -10.86 24.65
C GLU A 1191 -23.08 -10.01 24.13
N PRO A 1192 -22.87 -8.71 23.89
CA PRO A 1192 -23.96 -7.90 23.34
C PRO A 1192 -24.42 -8.38 21.97
N PHE A 1193 -23.52 -8.97 21.18
CA PHE A 1193 -23.88 -9.45 19.86
C PHE A 1193 -22.89 -10.51 19.42
N ALA A 1194 -23.25 -11.24 18.38
CA ALA A 1194 -22.39 -12.26 17.81
C ALA A 1194 -22.60 -12.28 16.30
N VAL A 1195 -21.57 -12.76 15.58
CA VAL A 1195 -21.60 -12.85 14.13
C VAL A 1195 -21.96 -14.28 13.74
N PHE A 1196 -22.91 -14.43 12.83
CA PHE A 1196 -23.36 -15.73 12.36
C PHE A 1196 -23.06 -15.87 10.88
N THR A 1197 -22.41 -16.97 10.51
CA THR A 1197 -22.07 -17.23 9.12
C THR A 1197 -23.25 -17.89 8.42
N ILE A 1198 -23.67 -17.32 7.30
CA ILE A 1198 -24.84 -17.78 6.58
C ILE A 1198 -24.54 -17.87 5.09
N ASN A 1199 -25.29 -18.72 4.41
CA ASN A 1199 -25.20 -18.81 2.96
C ASN A 1199 -25.91 -17.61 2.32
N GLU A 1200 -25.64 -17.41 1.03
CA GLU A 1200 -26.24 -16.28 0.33
C GLU A 1200 -27.75 -16.38 0.30
N GLY A 1201 -28.28 -17.58 0.09
CA GLY A 1201 -29.71 -17.79 0.00
C GLY A 1201 -30.43 -17.93 1.32
N THR A 1202 -29.72 -17.84 2.44
CA THR A 1202 -30.36 -18.00 3.75
C THR A 1202 -31.40 -16.91 3.96
N LYS A 1203 -32.53 -17.30 4.55
CA LYS A 1203 -33.64 -16.40 4.83
C LYS A 1203 -33.73 -16.13 6.33
N ALA A 1204 -34.67 -15.27 6.70
CA ALA A 1204 -34.84 -14.93 8.11
C ALA A 1204 -35.23 -16.14 8.94
N LYS A 1205 -36.11 -16.99 8.39
CA LYS A 1205 -36.56 -18.16 9.13
C LYS A 1205 -35.38 -19.01 9.60
N GLN A 1206 -34.43 -19.27 8.69
CA GLN A 1206 -33.26 -20.05 9.07
C GLN A 1206 -32.43 -19.34 10.13
N LEU A 1207 -32.26 -18.02 9.99
CA LEU A 1207 -31.38 -17.29 10.89
C LEU A 1207 -31.83 -17.42 12.34
N LEU A 1208 -33.15 -17.45 12.57
CA LEU A 1208 -33.64 -17.66 13.93
C LEU A 1208 -33.18 -19.01 14.46
N GLN A 1209 -33.26 -20.05 13.65
CA GLN A 1209 -32.87 -21.38 14.10
C GLN A 1209 -31.40 -21.41 14.49
N GLN A 1210 -30.53 -20.76 13.70
CA GLN A 1210 -29.12 -20.74 14.03
C GLN A 1210 -28.87 -20.07 15.38
N ILE A 1211 -29.53 -18.94 15.62
CA ILE A 1211 -29.34 -18.23 16.88
C ILE A 1211 -29.81 -19.11 18.04
N LEU A 1212 -31.00 -19.71 17.91
CA LEU A 1212 -31.53 -20.56 18.97
C LEU A 1212 -30.84 -21.91 19.02
N ALA A 1213 -30.16 -22.32 17.95
CA ALA A 1213 -29.46 -23.60 17.97
C ALA A 1213 -28.33 -23.59 18.99
N VAL A 1214 -27.64 -22.46 19.14
CA VAL A 1214 -26.53 -22.39 20.08
C VAL A 1214 -27.01 -22.62 21.50
N ASP A 1215 -28.12 -21.98 21.88
CA ASP A 1215 -28.62 -22.04 23.25
C ASP A 1215 -29.54 -23.27 23.40
N GLN A 1216 -28.90 -24.44 23.41
CA GLN A 1216 -29.62 -25.68 23.65
C GLN A 1216 -29.99 -25.88 25.11
N ASP A 1217 -29.29 -25.20 26.03
CA ASP A 1217 -29.57 -25.37 27.45
C ASP A 1217 -30.99 -24.92 27.79
N THR A 1218 -31.42 -23.80 27.23
CA THR A 1218 -32.74 -23.24 27.51
C THR A 1218 -33.69 -23.62 26.38
N LYS A 1219 -34.87 -24.11 26.75
CA LYS A 1219 -35.89 -24.50 25.78
C LYS A 1219 -36.57 -23.24 25.27
N LEU A 1220 -36.27 -22.87 24.02
CA LEU A 1220 -36.78 -21.64 23.42
C LEU A 1220 -37.56 -21.97 22.16
N THR A 1221 -38.68 -21.28 21.97
CA THR A 1221 -39.54 -21.46 20.81
C THR A 1221 -39.21 -20.42 19.76
N ALA A 1222 -39.01 -20.88 18.53
CA ALA A 1222 -38.64 -19.97 17.44
C ALA A 1222 -39.73 -18.92 17.23
N ALA A 1223 -40.99 -19.33 17.28
CA ALA A 1223 -42.08 -18.38 17.06
C ALA A 1223 -42.04 -17.23 18.06
N ASP A 1224 -41.50 -17.46 19.25
CA ASP A 1224 -41.42 -16.40 20.24
C ASP A 1224 -40.56 -15.24 19.75
N TYR A 1225 -39.41 -15.53 19.16
CA TYR A 1225 -38.48 -14.50 18.71
C TYR A 1225 -38.79 -14.08 17.28
N PHE A 1226 -38.44 -12.83 16.97
CA PHE A 1226 -38.58 -12.32 15.61
C PHE A 1226 -37.47 -11.30 15.38
N LEU A 1227 -36.76 -11.44 14.27
CA LEU A 1227 -35.71 -10.49 13.94
C LEU A 1227 -36.30 -9.13 13.61
N MET A 1228 -35.62 -8.08 14.05
CA MET A 1228 -36.04 -6.71 13.79
C MET A 1228 -34.85 -5.92 13.27
N GLU A 1229 -35.11 -5.02 12.32
CA GLU A 1229 -34.08 -4.20 11.71
C GLU A 1229 -34.21 -2.77 12.23
N GLU A 1230 -33.09 -2.20 12.66
CA GLU A 1230 -33.05 -0.84 13.18
C GLU A 1230 -32.14 0.02 12.30
N LYS A 1231 -32.31 1.33 12.44
CA LYS A 1231 -31.51 2.30 11.70
C LYS A 1231 -31.27 3.49 12.62
N HIS A 1232 -30.10 3.54 13.24
CA HIS A 1232 -29.77 4.59 14.19
C HIS A 1232 -29.30 5.83 13.44
N PHE A 1233 -30.07 6.91 13.52
CA PHE A 1233 -29.81 8.12 12.74
C PHE A 1233 -28.69 8.93 13.39
N ILE A 1234 -27.48 8.36 13.33
CA ILE A 1234 -26.31 9.08 13.80
C ILE A 1234 -25.97 10.20 12.81
N SER A 1235 -25.37 11.27 13.34
CA SER A 1235 -25.02 12.40 12.51
C SER A 1235 -23.82 13.12 13.12
N LYS A 1236 -23.13 13.90 12.28
CA LYS A 1236 -22.00 14.68 12.76
C LYS A 1236 -22.41 15.60 13.91
N GLU A 1237 -23.65 16.10 13.88
CA GLU A 1237 -24.15 16.96 14.94
C GLU A 1237 -24.51 16.12 16.16
N LYS A 1238 -23.99 16.53 17.32
CA LYS A 1238 -24.22 15.80 18.56
C LYS A 1238 -25.00 16.58 19.61
N ASN A 1239 -25.06 17.92 19.51
CA ASN A 1239 -25.74 18.70 20.53
C ASN A 1239 -27.22 18.36 20.61
N GLU A 1240 -27.87 18.21 19.45
CA GLU A 1240 -29.30 17.91 19.44
C GLU A 1240 -29.56 16.50 19.94
N CYS A 1241 -30.77 16.29 20.46
CA CYS A 1241 -31.15 14.99 20.97
C CYS A 1241 -31.19 13.97 19.84
N ARG A 1242 -30.85 12.72 20.17
CA ARG A 1242 -30.79 11.66 19.17
C ARG A 1242 -32.18 11.36 18.64
N LYS A 1243 -32.30 11.25 17.33
CA LYS A 1243 -33.56 10.89 16.71
C LYS A 1243 -33.91 9.44 17.05
N GLN A 1244 -35.20 9.17 17.16
CA GLN A 1244 -35.64 7.82 17.51
C GLN A 1244 -35.19 6.83 16.45
N PRO A 1245 -34.64 5.67 16.83
CA PRO A 1245 -34.21 4.70 15.83
C PRO A 1245 -35.39 4.09 15.10
N PHE A 1246 -35.36 4.14 13.77
CA PHE A 1246 -36.40 3.55 12.96
C PHE A 1246 -36.48 2.05 13.22
N GLN A 1247 -37.69 1.50 13.19
CA GLN A 1247 -37.94 0.09 13.46
C GLN A 1247 -38.59 -0.56 12.26
N ARG A 1248 -38.38 -1.87 12.15
CA ARG A 1248 -39.02 -2.66 11.10
C ARG A 1248 -39.03 -4.12 11.54
N ALA A 1249 -39.86 -4.91 10.89
CA ALA A 1249 -39.97 -6.34 11.15
C ALA A 1249 -39.51 -7.10 9.92
N VAL A 1250 -38.46 -7.90 10.08
CA VAL A 1250 -37.94 -8.71 8.97
C VAL A 1250 -38.88 -9.89 8.80
N GLY A 1251 -39.78 -9.81 7.82
CA GLY A 1251 -40.76 -10.83 7.59
C GLY A 1251 -40.11 -12.15 7.20
N PRO A 1252 -40.76 -13.26 7.56
CA PRO A 1252 -40.20 -14.56 7.20
C PRO A 1252 -40.13 -14.76 5.70
N GLU A 1253 -39.16 -15.55 5.26
CA GLU A 1253 -38.89 -15.87 3.87
C GLU A 1253 -38.17 -14.73 3.17
N GLU A 1254 -37.98 -13.58 3.81
CA GLU A 1254 -37.24 -12.49 3.21
C GLU A 1254 -35.74 -12.74 3.38
N ASP A 1255 -35.00 -12.64 2.29
CA ASP A 1255 -33.56 -12.87 2.34
C ASP A 1255 -32.92 -11.88 3.30
N ILE A 1256 -31.96 -12.36 4.09
CA ILE A 1256 -31.30 -11.52 5.08
C ILE A 1256 -30.06 -10.83 4.51
N VAL A 1257 -29.39 -11.46 3.55
CA VAL A 1257 -28.25 -10.81 2.90
C VAL A 1257 -28.72 -9.62 2.10
N GLN A 1258 -29.91 -9.73 1.49
CA GLN A 1258 -30.41 -8.65 0.64
C GLN A 1258 -30.59 -7.36 1.44
N ILE A 1259 -31.15 -7.47 2.65
CA ILE A 1259 -31.38 -6.27 3.45
C ILE A 1259 -30.06 -5.65 3.90
N LEU A 1260 -29.07 -6.49 4.22
CA LEU A 1260 -27.76 -5.97 4.63
C LEU A 1260 -27.15 -5.09 3.56
N ASN A 1261 -27.47 -5.35 2.30
CA ASN A 1261 -26.92 -4.57 1.20
C ASN A 1261 -27.71 -3.29 0.93
N SER A 1262 -28.82 -3.07 1.63
CA SER A 1262 -29.61 -1.87 1.44
C SER A 1262 -29.19 -0.73 2.36
N TRP A 1263 -28.30 -0.99 3.31
CA TRP A 1263 -27.87 0.04 4.25
C TRP A 1263 -26.83 0.95 3.58
N PHE A 1264 -27.18 2.22 3.43
CA PHE A 1264 -26.25 3.22 2.90
C PHE A 1264 -25.93 4.22 4.01
N PRO A 1265 -24.78 4.11 4.67
CA PRO A 1265 -24.44 5.13 5.67
C PRO A 1265 -24.34 6.53 5.10
N GLU A 1266 -24.29 6.68 3.78
CA GLU A 1266 -24.33 8.00 3.18
C GLU A 1266 -25.56 8.78 3.61
N GLU A 1267 -26.65 8.08 3.89
CA GLU A 1267 -27.89 8.71 4.31
C GLU A 1267 -27.92 9.07 5.79
N GLY A 1268 -26.86 8.74 6.53
CA GLY A 1268 -26.77 9.13 7.91
C GLY A 1268 -27.36 8.15 8.91
N TYR A 1269 -27.57 6.90 8.52
CA TYR A 1269 -28.09 5.88 9.42
C TYR A 1269 -27.24 4.63 9.35
N VAL A 1270 -27.10 3.96 10.48
CA VAL A 1270 -26.33 2.73 10.60
C VAL A 1270 -27.27 1.64 11.07
N GLY A 1271 -27.27 0.51 10.37
CA GLY A 1271 -28.25 -0.52 10.63
C GLY A 1271 -27.83 -1.48 11.74
N ARG A 1272 -28.81 -2.26 12.18
CA ARG A 1272 -28.59 -3.32 13.17
C ARG A 1272 -29.67 -4.36 12.97
N ILE A 1273 -29.28 -5.63 12.88
CA ILE A 1273 -30.22 -6.74 12.93
C ILE A 1273 -30.31 -7.16 14.38
N VAL A 1274 -31.39 -6.74 15.05
CA VAL A 1274 -31.56 -6.96 16.49
C VAL A 1274 -32.68 -7.96 16.71
N LEU A 1275 -32.40 -8.99 17.49
CA LEU A 1275 -33.39 -10.00 17.84
C LEU A 1275 -34.18 -9.55 19.04
N LYS A 1276 -35.50 -9.70 18.97
CA LYS A 1276 -36.41 -9.31 20.05
C LYS A 1276 -37.46 -10.38 20.21
N PRO A 1277 -38.11 -10.45 21.40
CA PRO A 1277 -39.14 -11.44 21.65
C PRO A 1277 -40.31 -11.34 20.68
N ILE B 27 -13.13 31.79 3.57
CA ILE B 27 -12.28 32.74 4.32
C ILE B 27 -12.06 32.22 5.73
N ARG B 28 -10.82 31.85 6.05
CA ARG B 28 -10.46 31.32 7.36
C ARG B 28 -9.30 32.14 7.91
N LYS B 29 -9.44 32.56 9.17
CA LYS B 29 -8.44 33.39 9.84
C LYS B 29 -7.67 32.56 10.86
N LYS B 30 -6.58 33.15 11.35
CA LYS B 30 -5.69 32.50 12.30
C LYS B 30 -5.40 33.45 13.46
N LEU B 31 -5.29 32.89 14.65
CA LEU B 31 -4.95 33.69 15.82
C LEU B 31 -4.16 32.84 16.82
N VAL B 32 -3.36 33.52 17.64
CA VAL B 32 -2.56 32.89 18.67
C VAL B 32 -2.75 33.65 19.97
N ILE B 33 -2.89 32.90 21.07
CA ILE B 33 -3.20 33.48 22.37
C ILE B 33 -2.08 33.12 23.34
N VAL B 34 -1.63 34.11 24.12
CA VAL B 34 -0.60 33.92 25.12
C VAL B 34 -1.08 34.55 26.43
N GLY B 35 -0.44 34.17 27.52
CA GLY B 35 -0.83 34.68 28.81
C GLY B 35 0.18 34.33 29.89
N ASP B 36 -0.27 34.45 31.13
CA ASP B 36 0.57 34.24 32.30
C ASP B 36 0.47 32.84 32.87
N GLY B 37 -0.27 31.94 32.23
CA GLY B 37 -0.40 30.55 32.68
C GLY B 37 -1.29 30.53 33.93
N ALA B 38 -2.17 29.53 34.00
CA ALA B 38 -3.10 29.41 35.13
C ALA B 38 -3.94 30.68 35.27
N CYS B 39 -4.23 31.32 34.13
CA CYS B 39 -5.00 32.56 34.11
C CYS B 39 -6.31 32.45 33.33
N GLY B 40 -6.52 31.38 32.57
CA GLY B 40 -7.77 31.20 31.86
C GLY B 40 -7.61 31.17 30.36
N LYS B 41 -6.38 30.94 29.87
CA LYS B 41 -6.18 30.87 28.44
C LYS B 41 -6.95 29.70 27.82
N THR B 42 -6.90 28.53 28.47
CA THR B 42 -7.63 27.39 27.97
C THR B 42 -9.11 27.48 28.30
N CYS B 43 -9.46 28.07 29.45
CA CYS B 43 -10.85 28.22 29.82
C CYS B 43 -11.60 29.10 28.82
N LEU B 44 -10.96 30.17 28.36
CA LEU B 44 -11.62 31.08 27.43
C LEU B 44 -12.02 30.37 26.14
N LEU B 45 -11.13 29.52 25.62
CA LEU B 45 -11.40 28.85 24.35
C LEU B 45 -12.44 27.74 24.51
N ILE B 46 -12.33 26.94 25.57
CA ILE B 46 -13.28 25.85 25.76
C ILE B 46 -14.69 26.41 25.93
N VAL B 47 -14.84 27.45 26.75
CA VAL B 47 -16.15 28.05 26.98
C VAL B 47 -16.71 28.59 25.68
N PHE B 48 -15.89 29.30 24.91
CA PHE B 48 -16.36 29.87 23.65
C PHE B 48 -16.76 28.77 22.67
N SER B 49 -15.95 27.72 22.56
CA SER B 49 -16.20 26.66 21.60
C SER B 49 -17.09 25.54 22.14
N LYS B 50 -17.36 25.51 23.45
CA LYS B 50 -18.18 24.47 24.05
C LYS B 50 -19.27 25.00 24.97
N ASP B 51 -19.21 26.27 25.39
CA ASP B 51 -20.19 26.85 26.30
C ASP B 51 -20.26 26.08 27.61
N GLN B 52 -19.13 25.50 28.03
CA GLN B 52 -19.04 24.77 29.29
C GLN B 52 -17.76 25.18 30.01
N PHE B 53 -17.90 25.59 31.26
CA PHE B 53 -16.73 25.98 32.04
C PHE B 53 -15.96 24.75 32.49
N PRO B 54 -14.63 24.71 32.32
CA PRO B 54 -13.88 23.55 32.78
C PRO B 54 -14.03 23.32 34.27
N GLU B 55 -14.08 22.05 34.66
CA GLU B 55 -14.22 21.66 36.06
C GLU B 55 -12.89 21.27 36.69
N VAL B 56 -12.01 20.62 35.94
CA VAL B 56 -10.73 20.15 36.44
C VAL B 56 -9.63 20.82 35.62
N TYR B 57 -8.64 21.40 36.32
CA TYR B 57 -7.56 22.10 35.66
C TYR B 57 -6.46 21.13 35.25
N VAL B 58 -5.98 21.26 34.01
CA VAL B 58 -4.86 20.47 33.51
C VAL B 58 -3.94 21.41 32.73
N PRO B 59 -2.64 21.41 33.01
CA PRO B 59 -1.73 22.29 32.24
C PRO B 59 -1.81 21.98 30.75
N THR B 60 -1.72 23.04 29.95
CA THR B 60 -1.82 22.95 28.50
C THR B 60 -0.45 23.13 27.85
N VAL B 61 -0.17 22.30 26.85
CA VAL B 61 1.09 22.38 26.10
C VAL B 61 0.88 23.06 24.76
N PHE B 62 0.00 22.52 23.92
CA PHE B 62 -0.24 23.08 22.60
C PHE B 62 -1.59 22.55 22.11
N GLU B 63 -2.54 23.45 21.87
CA GLU B 63 -3.87 23.05 21.44
C GLU B 63 -4.31 23.92 20.28
N ASN B 64 -5.08 23.33 19.37
CA ASN B 64 -5.60 24.01 18.19
C ASN B 64 -7.11 23.83 18.13
N TYR B 65 -7.84 24.92 17.94
CA TYR B 65 -9.29 24.89 17.85
C TYR B 65 -9.75 25.65 16.61
N VAL B 66 -10.91 25.24 16.09
CA VAL B 66 -11.53 25.88 14.95
C VAL B 66 -12.96 26.25 15.32
N ALA B 67 -13.34 27.50 15.08
CA ALA B 67 -14.66 27.99 15.41
C ALA B 67 -15.13 28.96 14.33
N ASP B 68 -16.45 29.09 14.22
CA ASP B 68 -17.08 29.95 13.22
C ASP B 68 -17.72 31.14 13.92
N ILE B 69 -17.44 32.34 13.43
CA ILE B 69 -17.97 33.57 13.99
C ILE B 69 -18.41 34.49 12.86
N GLU B 70 -19.55 35.15 13.04
CA GLU B 70 -20.05 36.13 12.09
C GLU B 70 -19.93 37.51 12.71
N VAL B 71 -19.27 38.42 12.01
CA VAL B 71 -19.06 39.78 12.48
C VAL B 71 -19.39 40.74 11.34
N ASP B 72 -20.30 41.68 11.60
CA ASP B 72 -20.70 42.68 10.60
C ASP B 72 -21.10 42.02 9.29
N GLY B 73 -21.83 40.90 9.40
CA GLY B 73 -22.32 40.19 8.25
C GLY B 73 -21.30 39.33 7.54
N LYS B 74 -20.08 39.23 8.05
CA LYS B 74 -19.02 38.44 7.44
C LYS B 74 -18.88 37.13 8.22
N GLN B 75 -19.22 36.02 7.57
CA GLN B 75 -19.06 34.70 8.15
C GLN B 75 -17.65 34.21 7.82
N VAL B 76 -16.78 34.21 8.82
CA VAL B 76 -15.37 33.86 8.64
C VAL B 76 -15.01 32.77 9.64
N GLU B 77 -14.43 31.68 9.13
CA GLU B 77 -13.94 30.63 10.00
C GLU B 77 -12.78 31.14 10.84
N LEU B 78 -12.74 30.74 12.10
CA LEU B 78 -11.72 31.18 13.04
C LEU B 78 -10.97 29.96 13.57
N ALA B 79 -9.65 30.00 13.47
CA ALA B 79 -8.77 28.95 13.97
C ALA B 79 -7.99 29.49 15.15
N LEU B 80 -8.08 28.80 16.29
CA LEU B 80 -7.45 29.24 17.53
C LEU B 80 -6.22 28.38 17.80
N TRP B 81 -5.11 29.04 18.09
CA TRP B 81 -3.86 28.39 18.46
C TRP B 81 -3.57 28.67 19.93
N ASP B 82 -3.42 27.60 20.72
CA ASP B 82 -3.22 27.72 22.15
C ASP B 82 -1.74 27.51 22.49
N THR B 83 -1.22 28.40 23.34
CA THR B 83 0.18 28.41 23.73
C THR B 83 0.32 28.02 25.20
N ALA B 84 1.56 28.08 25.68
CA ALA B 84 1.86 27.79 27.08
C ALA B 84 3.01 28.68 27.52
N GLY B 85 3.08 28.93 28.83
CA GLY B 85 4.11 29.77 29.38
C GLY B 85 5.05 29.07 30.34
N GLN B 86 4.79 27.79 30.61
CA GLN B 86 5.64 27.03 31.51
C GLN B 86 7.04 26.88 30.93
N GLU B 87 8.05 26.86 31.80
CA GLU B 87 9.43 26.84 31.35
C GLU B 87 9.72 25.62 30.49
N ASP B 88 9.26 24.45 30.93
CA ASP B 88 9.47 23.24 30.13
C ASP B 88 8.78 23.33 28.78
N TYR B 89 7.70 24.11 28.69
CA TYR B 89 6.97 24.30 27.44
C TYR B 89 7.35 25.59 26.73
N ASP B 90 8.26 26.38 27.29
CA ASP B 90 8.68 27.60 26.61
C ASP B 90 9.49 27.31 25.35
N ARG B 91 10.09 26.12 25.27
CA ARG B 91 10.95 25.81 24.13
C ARG B 91 10.16 25.68 22.84
N LEU B 92 8.93 25.16 22.90
CA LEU B 92 8.14 24.89 21.71
C LEU B 92 7.15 26.00 21.40
N ARG B 93 7.33 27.18 21.99
CA ARG B 93 6.49 28.32 21.66
C ARG B 93 6.55 28.66 20.17
N PRO B 94 7.69 28.64 19.50
CA PRO B 94 7.74 29.04 18.09
C PRO B 94 6.83 28.23 17.17
N LEU B 95 6.24 27.13 17.65
CA LEU B 95 5.44 26.28 16.76
C LEU B 95 4.26 27.06 16.18
N SER B 96 3.54 27.80 17.02
CA SER B 96 2.39 28.57 16.57
C SER B 96 2.74 30.02 16.21
N TYR B 97 4.00 30.42 16.41
CA TYR B 97 4.40 31.78 16.08
C TYR B 97 4.28 32.12 14.59
N PRO B 98 4.65 31.24 13.62
CA PRO B 98 4.76 31.71 12.22
C PRO B 98 3.59 32.54 11.74
N ASP B 99 3.79 33.26 10.65
CA ASP B 99 2.92 34.34 10.21
C ASP B 99 1.44 34.02 10.43
N THR B 100 0.76 34.90 11.15
CA THR B 100 -0.66 34.75 11.44
C THR B 100 -1.32 36.11 11.33
N ASP B 101 -2.64 36.08 11.09
CA ASP B 101 -3.38 37.33 10.92
C ASP B 101 -3.32 38.19 12.19
N VAL B 102 -3.48 37.56 13.35
CA VAL B 102 -3.55 38.29 14.62
C VAL B 102 -2.96 37.41 15.72
N ILE B 103 -2.42 38.05 16.75
CA ILE B 103 -1.94 37.36 17.94
C ILE B 103 -2.53 38.08 19.15
N LEU B 104 -3.30 37.35 19.96
CA LEU B 104 -3.99 37.95 21.08
C LEU B 104 -3.14 37.88 22.35
N MET B 105 -3.55 38.63 23.36
CA MET B 105 -2.88 38.69 24.64
C MET B 105 -3.91 38.51 25.75
N CYS B 106 -3.54 37.73 26.77
CA CYS B 106 -4.42 37.47 27.91
C CYS B 106 -3.62 37.61 29.20
N PHE B 107 -4.34 37.92 30.28
CA PHE B 107 -3.72 38.04 31.59
C PHE B 107 -4.78 37.84 32.66
N SER B 108 -4.33 37.55 33.87
CA SER B 108 -5.23 37.37 35.01
C SER B 108 -5.38 38.71 35.72
N ILE B 109 -6.63 39.17 35.86
CA ILE B 109 -6.88 40.44 36.52
C ILE B 109 -6.51 40.37 38.00
N ASP B 110 -6.63 39.19 38.61
CA ASP B 110 -6.34 39.06 40.03
C ASP B 110 -4.86 39.19 40.34
N SER B 111 -3.98 38.97 39.35
CA SER B 111 -2.54 38.98 39.58
C SER B 111 -1.92 40.22 38.95
N PRO B 112 -1.51 41.22 39.74
CA PRO B 112 -0.82 42.37 39.14
C PRO B 112 0.48 42.00 38.46
N ASP B 113 1.12 40.90 38.85
CA ASP B 113 2.40 40.53 38.25
C ASP B 113 2.24 40.30 36.75
N SER B 114 1.17 39.62 36.34
CA SER B 114 0.96 39.39 34.91
C SER B 114 0.81 40.69 34.14
N LEU B 115 0.32 41.75 34.81
CA LEU B 115 0.12 43.02 34.12
C LEU B 115 1.42 43.59 33.60
N GLU B 116 2.50 43.48 34.38
CA GLU B 116 3.76 44.11 34.00
C GLU B 116 4.63 43.17 33.17
N ASN B 117 4.98 42.01 33.73
CA ASN B 117 5.98 41.16 33.10
C ASN B 117 5.50 40.61 31.77
N ILE B 118 4.27 40.10 31.71
CA ILE B 118 3.81 39.41 30.50
C ILE B 118 3.82 40.32 29.28
N PRO B 119 3.22 41.52 29.33
CA PRO B 119 3.31 42.39 28.14
C PRO B 119 4.73 42.74 27.76
N GLU B 120 5.61 42.94 28.74
CA GLU B 120 7.01 43.24 28.45
C GLU B 120 7.77 42.00 28.04
N LYS B 121 7.43 40.84 28.62
CA LYS B 121 8.14 39.60 28.27
C LYS B 121 7.86 39.19 26.83
N TRP B 122 6.59 39.16 26.43
CA TRP B 122 6.21 38.61 25.14
C TRP B 122 6.21 39.64 24.01
N THR B 123 6.05 40.93 24.33
CA THR B 123 5.98 41.93 23.27
C THR B 123 7.23 41.93 22.39
N PRO B 124 8.46 41.94 22.94
CA PRO B 124 9.63 41.79 22.07
C PRO B 124 9.62 40.47 21.31
N GLU B 125 9.14 39.40 21.95
CA GLU B 125 9.09 38.11 21.30
C GLU B 125 8.11 38.11 20.12
N VAL B 126 6.92 38.67 20.32
CA VAL B 126 5.94 38.73 19.24
C VAL B 126 6.46 39.59 18.10
N LYS B 127 7.03 40.75 18.41
CA LYS B 127 7.59 41.61 17.37
C LYS B 127 8.72 40.92 16.63
N HIS B 128 9.62 40.25 17.36
CA HIS B 128 10.77 39.62 16.73
C HIS B 128 10.34 38.47 15.81
N PHE B 129 9.44 37.61 16.28
CA PHE B 129 9.09 36.42 15.51
C PHE B 129 8.23 36.78 14.30
N CYS B 130 7.22 37.63 14.48
CA CYS B 130 6.26 37.95 13.42
C CYS B 130 5.80 39.38 13.58
N PRO B 131 6.39 40.32 12.85
CA PRO B 131 5.90 41.69 12.86
C PRO B 131 4.66 41.86 11.98
N ASN B 132 4.09 43.06 12.02
CA ASN B 132 2.90 43.39 11.25
C ASN B 132 1.71 42.53 11.66
N VAL B 133 1.66 42.13 12.92
CA VAL B 133 0.56 41.33 13.44
C VAL B 133 -0.13 42.11 14.56
N PRO B 134 -1.35 42.61 14.37
CA PRO B 134 -2.01 43.37 15.44
C PRO B 134 -2.26 42.50 16.66
N ILE B 135 -2.29 43.14 17.82
CA ILE B 135 -2.44 42.46 19.11
C ILE B 135 -3.68 43.01 19.81
N ILE B 136 -4.29 42.17 20.64
CA ILE B 136 -5.41 42.57 21.47
C ILE B 136 -5.13 42.09 22.89
N LEU B 137 -5.45 42.94 23.88
CA LEU B 137 -5.23 42.62 25.28
C LEU B 137 -6.56 42.22 25.91
N VAL B 138 -6.58 41.06 26.56
CA VAL B 138 -7.80 40.50 27.13
C VAL B 138 -7.57 40.30 28.63
N GLY B 139 -8.53 40.77 29.43
CA GLY B 139 -8.46 40.61 30.87
C GLY B 139 -9.27 39.42 31.35
N ASN B 140 -8.59 38.40 31.86
CA ASN B 140 -9.24 37.20 32.33
C ASN B 140 -9.57 37.31 33.82
N LYS B 141 -10.39 36.37 34.30
CA LYS B 141 -10.76 36.30 35.71
C LYS B 141 -11.43 37.59 36.17
N LYS B 142 -12.30 38.13 35.32
CA LYS B 142 -13.03 39.35 35.67
C LYS B 142 -14.09 39.08 36.74
N ASP B 143 -14.69 37.88 36.73
CA ASP B 143 -15.78 37.60 37.66
C ASP B 143 -15.32 37.67 39.10
N LEU B 144 -14.15 37.11 39.39
CA LEU B 144 -13.63 37.04 40.76
C LEU B 144 -12.90 38.30 41.18
N ARG B 145 -12.85 39.32 40.33
CA ARG B 145 -12.22 40.58 40.71
C ARG B 145 -12.88 41.18 41.95
N ASN B 146 -14.19 40.99 42.10
CA ASN B 146 -14.94 41.50 43.24
C ASN B 146 -15.09 40.48 44.36
N ASP B 147 -14.50 39.30 44.21
CA ASP B 147 -14.62 38.27 45.25
C ASP B 147 -13.87 38.70 46.50
N GLU B 148 -14.49 38.46 47.66
CA GLU B 148 -13.86 38.82 48.92
C GLU B 148 -12.59 38.01 49.15
N HIS B 149 -12.60 36.73 48.78
CA HIS B 149 -11.42 35.90 48.98
C HIS B 149 -10.19 36.48 48.29
N THR B 150 -10.38 37.12 47.13
CA THR B 150 -9.24 37.70 46.43
C THR B 150 -8.55 38.77 47.26
N ARG B 151 -9.33 39.63 47.92
CA ARG B 151 -8.74 40.70 48.72
C ARG B 151 -7.90 40.13 49.85
N ARG B 152 -8.41 39.10 50.54
CA ARG B 152 -7.64 38.50 51.63
C ARG B 152 -6.35 37.87 51.12
N GLU B 153 -6.42 37.15 50.01
CA GLU B 153 -5.23 36.51 49.46
C GLU B 153 -4.19 37.55 49.04
N LEU B 154 -4.64 38.63 48.38
CA LEU B 154 -3.71 39.68 47.99
C LEU B 154 -3.29 40.55 49.16
N ALA B 155 -4.02 40.50 50.28
CA ALA B 155 -3.61 41.26 51.46
C ALA B 155 -2.28 40.76 51.99
N LYS B 156 -2.06 39.45 51.98
CA LYS B 156 -0.79 38.90 52.45
C LYS B 156 0.36 39.40 51.60
N MET B 157 0.18 39.44 50.28
CA MET B 157 1.21 39.87 49.35
C MET B 157 1.21 41.37 49.11
N LYS B 158 0.30 42.12 49.74
CA LYS B 158 0.22 43.56 49.58
C LYS B 158 -0.06 43.92 48.11
N GLN B 159 -1.21 43.45 47.62
CA GLN B 159 -1.60 43.64 46.24
C GLN B 159 -3.12 43.84 46.17
N GLU B 160 -3.57 44.26 45.00
CA GLU B 160 -4.99 44.44 44.71
C GLU B 160 -5.26 43.98 43.30
N PRO B 161 -6.51 43.66 42.97
CA PRO B 161 -6.82 43.20 41.61
C PRO B 161 -6.46 44.24 40.57
N VAL B 162 -6.05 43.76 39.39
CA VAL B 162 -5.67 44.66 38.30
C VAL B 162 -6.82 45.59 37.99
N LYS B 163 -6.54 46.88 37.94
CA LYS B 163 -7.56 47.88 37.68
C LYS B 163 -7.90 47.94 36.19
N PRO B 164 -9.14 48.26 35.83
CA PRO B 164 -9.47 48.45 34.41
C PRO B 164 -8.64 49.54 33.74
N GLU B 165 -8.30 50.60 34.48
CA GLU B 165 -7.60 51.72 33.87
C GLU B 165 -6.23 51.30 33.35
N GLU B 166 -5.50 50.53 34.15
CA GLU B 166 -4.16 50.10 33.74
C GLU B 166 -4.23 49.05 32.63
N GLY B 167 -5.34 48.34 32.49
CA GLY B 167 -5.45 47.36 31.41
C GLY B 167 -5.39 48.01 30.04
N ARG B 168 -6.15 49.09 29.85
CA ARG B 168 -6.12 49.79 28.57
C ARG B 168 -4.77 50.47 28.35
N ASP B 169 -4.20 51.07 29.40
CA ASP B 169 -2.93 51.76 29.24
C ASP B 169 -1.82 50.80 28.85
N MET B 170 -1.81 49.60 29.45
CA MET B 170 -0.78 48.62 29.11
C MET B 170 -0.84 48.22 27.66
N ALA B 171 -2.06 48.01 27.13
CA ALA B 171 -2.20 47.67 25.72
C ALA B 171 -1.64 48.77 24.82
N ASN B 172 -1.92 50.03 25.16
CA ASN B 172 -1.39 51.14 24.37
C ASN B 172 0.14 51.17 24.46
N ARG B 173 0.70 50.88 25.63
CA ARG B 173 2.15 50.89 25.78
C ARG B 173 2.80 49.89 24.85
N ILE B 174 2.23 48.69 24.73
CA ILE B 174 2.79 47.65 23.87
C ILE B 174 2.32 47.76 22.43
N GLY B 175 1.50 48.77 22.11
CA GLY B 175 1.03 48.95 20.75
C GLY B 175 0.10 47.84 20.30
N ALA B 176 -1.08 47.77 20.90
CA ALA B 176 -2.06 46.73 20.59
C ALA B 176 -3.30 47.34 19.96
N PHE B 177 -4.09 46.47 19.32
CA PHE B 177 -5.31 46.92 18.65
C PHE B 177 -6.29 47.51 19.65
N GLY B 178 -6.43 46.90 20.82
CA GLY B 178 -7.38 47.39 21.80
C GLY B 178 -7.30 46.57 23.07
N TYR B 179 -8.28 46.79 23.95
CA TYR B 179 -8.35 46.12 25.24
C TYR B 179 -9.76 45.60 25.47
N MET B 180 -9.85 44.47 26.18
CA MET B 180 -11.13 43.85 26.50
C MET B 180 -10.97 43.06 27.79
N GLU B 181 -12.11 42.70 28.38
CA GLU B 181 -12.16 41.88 29.59
C GLU B 181 -13.14 40.75 29.38
N CYS B 182 -12.81 39.58 29.93
CA CYS B 182 -13.60 38.38 29.73
C CYS B 182 -13.80 37.65 31.06
N SER B 183 -14.86 36.84 31.11
CA SER B 183 -15.18 36.05 32.30
C SER B 183 -15.61 34.67 31.82
N ALA B 184 -14.77 33.65 32.08
CA ALA B 184 -15.07 32.31 31.59
C ALA B 184 -16.32 31.74 32.25
N LYS B 185 -16.44 31.89 33.57
CA LYS B 185 -17.58 31.30 34.28
C LYS B 185 -18.89 31.98 33.88
N THR B 186 -18.92 33.31 33.91
CA THR B 186 -20.13 34.04 33.56
C THR B 186 -20.33 34.17 32.06
N LYS B 187 -19.30 33.91 31.26
CA LYS B 187 -19.40 33.99 29.80
C LYS B 187 -19.84 35.39 29.37
N ASP B 188 -19.36 36.40 30.08
CA ASP B 188 -19.72 37.79 29.81
C ASP B 188 -18.54 38.46 29.10
N GLY B 189 -18.80 39.00 27.91
CA GLY B 189 -17.79 39.67 27.13
C GLY B 189 -16.87 38.75 26.34
N VAL B 190 -17.06 37.43 26.44
CA VAL B 190 -16.21 36.51 25.70
C VAL B 190 -16.44 36.65 24.20
N ARG B 191 -17.71 36.67 23.78
CA ARG B 191 -18.01 36.76 22.37
C ARG B 191 -17.56 38.09 21.77
N GLU B 192 -17.49 39.14 22.59
CA GLU B 192 -17.10 40.45 22.09
C GLU B 192 -15.66 40.43 21.57
N VAL B 193 -14.77 39.75 22.28
CA VAL B 193 -13.36 39.75 21.89
C VAL B 193 -13.19 39.14 20.50
N PHE B 194 -13.85 38.01 20.25
CA PHE B 194 -13.74 37.36 18.95
C PHE B 194 -14.28 38.25 17.84
N GLU B 195 -15.40 38.93 18.09
CA GLU B 195 -15.95 39.84 17.09
C GLU B 195 -14.94 40.94 16.75
N MET B 196 -14.38 41.59 17.76
CA MET B 196 -13.39 42.64 17.51
C MET B 196 -12.13 42.05 16.88
N ALA B 197 -11.66 40.91 17.39
CA ALA B 197 -10.43 40.32 16.87
C ALA B 197 -10.60 39.86 15.42
N THR B 198 -11.71 39.19 15.11
CA THR B 198 -11.88 38.66 13.77
C THR B 198 -11.92 39.77 12.73
N ARG B 199 -12.63 40.86 13.02
CA ARG B 199 -12.73 41.96 12.06
C ARG B 199 -11.36 42.55 11.76
N ALA B 200 -10.53 42.71 12.78
CA ALA B 200 -9.20 43.28 12.57
C ALA B 200 -8.37 42.42 11.64
N ALA B 201 -8.53 41.09 11.73
CA ALA B 201 -7.70 40.20 10.93
C ALA B 201 -7.88 40.46 9.43
N LEU B 202 -9.13 40.52 8.97
CA LEU B 202 -9.37 40.70 7.54
C LEU B 202 -8.87 42.05 7.06
N GLN B 203 -9.15 43.11 7.81
CA GLN B 203 -8.74 44.45 7.42
C GLN B 203 -7.25 44.66 7.70
N ALA B 204 -6.71 45.70 7.08
CA ALA B 204 -5.30 46.06 7.24
C ALA B 204 -4.39 44.94 6.74
CA CA C . 12.55 -13.33 -30.98
PG GTP D . -2.70 26.14 31.36
O1G GTP D . -1.32 26.06 31.96
O2G GTP D . -3.31 24.75 31.36
O3G GTP D . -2.60 26.66 29.95
O3B GTP D . -3.58 27.11 32.28
PB GTP D . -4.32 28.41 31.67
O1B GTP D . -4.48 29.48 32.71
O2B GTP D . -3.55 28.93 30.48
O3A GTP D . -5.77 27.86 31.25
PA GTP D . -6.49 26.72 32.12
O1A GTP D . -7.90 26.50 31.61
O2A GTP D . -5.71 25.43 32.06
O5' GTP D . -6.58 27.28 33.61
C5' GTP D . -7.36 28.42 33.89
C4' GTP D . -7.63 28.53 35.39
O4' GTP D . -7.74 29.89 35.73
C3' GTP D . -8.95 27.88 35.74
O3' GTP D . -8.74 26.64 36.38
C2' GTP D . -9.63 28.85 36.69
O2' GTP D . -9.56 28.37 38.01
C1' GTP D . -8.85 30.14 36.56
N9 GTP D . -9.69 31.13 35.86
C8 GTP D . -9.36 31.77 34.70
N7 GTP D . -10.37 32.60 34.35
C5 GTP D . -11.33 32.53 35.30
C6 GTP D . -12.54 33.18 35.43
O6 GTP D . -12.92 33.99 34.59
N1 GTP D . -13.35 32.90 36.52
C2 GTP D . -12.93 31.99 37.48
N2 GTP D . -13.69 31.73 38.53
N3 GTP D . -11.70 31.36 37.33
C4 GTP D . -10.92 31.61 36.25
MG MG E . -3.89 25.77 29.00
#